data_9DMX
#
_entry.id   9DMX
#
_cell.length_a   80.952
_cell.length_b   97.384
_cell.length_c   176.779
_cell.angle_alpha   90.000
_cell.angle_beta   90.000
_cell.angle_gamma   90.000
#
_symmetry.space_group_name_H-M   'P 21 21 21'
#
loop_
_entity.id
_entity.type
_entity.pdbx_description
1 polymer 'UrIg2 V-C1-C2-C3'
2 branched beta-D-mannopyranose-(1-4)-2-acetamido-2-deoxy-beta-D-glucopyranose-(1-4)-[alpha-L-fucopyranose-(1-6)]2-acetamido-2-deoxy-beta-D-glucopyranose
3 branched 2-acetamido-2-deoxy-beta-D-glucopyranose-(1-4)-2-acetamido-2-deoxy-beta-D-glucopyranose
4 non-polymer 2-acetamido-2-deoxy-beta-D-glucopyranose
5 non-polymer 1,2-ETHANEDIOL
6 water water
#
_entity_poly.entity_id   1
_entity_poly.type   'polypeptide(L)'
_entity_poly.pdbx_seq_one_letter_code
;DLTSGGVNFRFSSTTMTVTEGEPVSMECRYSRKTDDRYLLWGYVPRGTSAIKQLLYWNPGSDTPTYISGKPGRYRAEKNF
RQKVMKLQIAKATQQDSSRYFCQLTDNLSNGNTTDFCSCGTTLKVQAVPPSSAPLVELHSPFAGQLRENGTATLLCLASG
FYPSNVRISWQMDGRTVTARVSQQPMCQDEREKYTAVSRLQLSSSTWMEAHRYQCTVTHPTLSRPIVKELRTLASLSLRR
PTIRMIPPSIREMVTHRNATLGCVATQFIPDPITFSWMAQGLEIPGTSQTLVPTANEDGSYSARSLLTVALADWKSGISY
TCQVPNAQSDPKNRTLRVEDAWLWKQPSLRMTVIGTEEEDEEGHVADGGTTTLACFVSAFYPGDIYVSWREQDTELSHGV
TTFPVRPDPDGTFHTVSQLSVPSRAWHSGHNFTCLVGHQSLNGLKEAQLRKDSEPEA
;
_entity_poly.pdbx_strand_id   A,B
#
# COMPACT_ATOMS: atom_id res chain seq x y z
N GLY A 6 -32.91 43.64 -52.86
CA GLY A 6 -31.63 42.95 -52.95
C GLY A 6 -30.79 43.08 -51.69
N VAL A 7 -30.80 42.05 -50.84
CA VAL A 7 -30.08 42.09 -49.57
C VAL A 7 -29.53 40.71 -49.24
N ASN A 8 -28.30 40.69 -48.73
CA ASN A 8 -27.61 39.47 -48.32
C ASN A 8 -27.41 39.53 -46.80
N PHE A 9 -28.35 38.92 -46.07
CA PHE A 9 -28.23 38.81 -44.63
C PHE A 9 -27.31 37.67 -44.24
N ARG A 10 -26.58 37.86 -43.14
CA ARG A 10 -25.83 36.79 -42.51
C ARG A 10 -26.09 36.81 -41.02
N PHE A 11 -26.62 35.71 -40.48
CA PHE A 11 -26.78 35.59 -39.04
C PHE A 11 -25.40 35.38 -38.42
N SER A 12 -24.70 36.47 -38.11
CA SER A 12 -23.31 36.40 -37.68
C SER A 12 -23.15 35.83 -36.28
N SER A 13 -24.23 35.67 -35.53
CA SER A 13 -24.18 35.01 -34.23
C SER A 13 -24.34 33.50 -34.34
N THR A 14 -24.20 32.95 -35.54
CA THR A 14 -24.26 31.51 -35.76
C THR A 14 -23.07 31.08 -36.62
N THR A 15 -22.72 29.81 -36.49
CA THR A 15 -21.68 29.21 -37.32
C THR A 15 -21.89 27.71 -37.33
N MET A 16 -21.27 27.05 -38.31
CA MET A 16 -21.29 25.60 -38.42
C MET A 16 -19.86 25.09 -38.39
N THR A 17 -19.58 24.14 -37.50
CA THR A 17 -18.25 23.59 -37.34
C THR A 17 -18.21 22.17 -37.88
N VAL A 18 -17.15 21.84 -38.62
CA VAL A 18 -16.95 20.50 -39.14
C VAL A 18 -15.48 20.11 -39.03
N THR A 19 -15.25 18.82 -38.84
CA THR A 19 -13.90 18.29 -38.82
C THR A 19 -13.41 18.05 -40.24
N GLU A 20 -12.13 18.34 -40.48
CA GLU A 20 -11.54 18.18 -41.81
C GLU A 20 -11.68 16.73 -42.28
N GLY A 21 -12.24 16.56 -43.47
CA GLY A 21 -12.48 15.26 -44.06
C GLY A 21 -13.92 14.80 -43.96
N GLU A 22 -14.66 15.27 -42.96
CA GLU A 22 -16.04 14.86 -42.75
C GLU A 22 -16.97 15.69 -43.62
N PRO A 23 -18.16 15.17 -43.92
CA PRO A 23 -19.11 15.93 -44.75
C PRO A 23 -19.83 17.00 -43.97
N VAL A 24 -20.19 18.06 -44.68
CA VAL A 24 -20.98 19.17 -44.15
C VAL A 24 -22.34 19.15 -44.82
N SER A 25 -23.40 19.36 -44.05
CA SER A 25 -24.76 19.37 -44.57
C SER A 25 -25.43 20.68 -44.17
N MET A 26 -25.39 21.67 -45.07
CA MET A 26 -26.09 22.93 -44.85
C MET A 26 -27.50 22.82 -45.41
N GLU A 27 -28.42 23.52 -44.75
CA GLU A 27 -29.83 23.37 -45.08
C GLU A 27 -30.58 24.66 -44.78
N CYS A 28 -31.46 25.06 -45.69
CA CYS A 28 -32.31 26.22 -45.52
C CYS A 28 -33.77 25.85 -45.73
N ARG A 29 -34.63 26.49 -44.94
CA ARG A 29 -36.08 26.41 -45.07
C ARG A 29 -36.59 27.73 -45.61
N TYR A 30 -37.55 27.65 -46.53
CA TYR A 30 -38.16 28.84 -47.11
C TYR A 30 -39.67 28.81 -46.89
N SER A 31 -40.30 29.97 -47.04
CA SER A 31 -41.72 30.11 -46.79
C SER A 31 -42.54 30.40 -48.03
N ARG A 32 -41.92 30.45 -49.21
CA ARG A 32 -42.68 30.67 -50.44
C ARG A 32 -43.57 29.48 -50.75
N LYS A 33 -44.79 29.78 -51.19
CA LYS A 33 -45.76 28.75 -51.57
C LYS A 33 -45.79 28.48 -53.06
N THR A 34 -45.08 29.27 -53.86
CA THR A 34 -45.01 29.07 -55.30
C THR A 34 -43.55 28.83 -55.69
N ASP A 35 -43.32 27.79 -56.49
CA ASP A 35 -41.97 27.44 -56.95
C ASP A 35 -41.64 28.22 -58.22
N ASP A 36 -41.62 29.54 -58.08
CA ASP A 36 -41.52 30.45 -59.22
C ASP A 36 -40.23 31.24 -59.25
N ARG A 37 -39.24 30.89 -58.42
CA ARG A 37 -37.99 31.63 -58.35
C ARG A 37 -36.79 30.69 -58.35
N TYR A 38 -35.68 31.20 -58.87
CA TYR A 38 -34.40 30.51 -58.82
C TYR A 38 -33.94 30.42 -57.38
N LEU A 39 -33.68 29.19 -56.93
CA LEU A 39 -33.06 28.96 -55.62
C LEU A 39 -31.58 28.69 -55.84
N LEU A 40 -30.72 29.32 -55.04
CA LEU A 40 -29.29 29.25 -55.27
C LEU A 40 -28.54 28.91 -53.99
N TRP A 41 -27.45 28.18 -54.16
CA TRP A 41 -26.45 27.96 -53.12
C TRP A 41 -25.18 28.65 -53.57
N GLY A 42 -24.67 29.56 -52.73
CA GLY A 42 -23.46 30.29 -53.07
C GLY A 42 -22.53 30.39 -51.88
N TYR A 43 -21.31 30.82 -52.15
CA TYR A 43 -20.30 30.96 -51.11
C TYR A 43 -19.36 32.09 -51.47
N VAL A 44 -18.81 32.74 -50.44
CA VAL A 44 -17.85 33.83 -50.61
C VAL A 44 -16.45 33.20 -50.59
N PRO A 45 -15.70 33.23 -51.69
CA PRO A 45 -14.35 32.65 -51.68
C PRO A 45 -13.44 33.38 -50.71
N ARG A 46 -12.42 32.66 -50.24
CA ARG A 46 -11.47 33.23 -49.30
C ARG A 46 -10.61 34.28 -50.00
N GLY A 47 -10.69 35.52 -49.52
CA GLY A 47 -9.91 36.62 -50.07
C GLY A 47 -10.71 37.62 -50.89
N THR A 48 -12.03 37.52 -50.92
CA THR A 48 -12.87 38.45 -51.65
C THR A 48 -14.09 38.78 -50.79
N SER A 49 -15.05 39.49 -51.39
CA SER A 49 -16.27 39.87 -50.68
C SER A 49 -17.52 39.70 -51.53
N ALA A 50 -17.42 39.05 -52.70
CA ALA A 50 -18.56 38.79 -53.55
C ALA A 50 -19.01 37.35 -53.40
N ILE A 51 -20.33 37.14 -53.52
CA ILE A 51 -20.91 35.81 -53.33
C ILE A 51 -20.81 35.08 -54.66
N LYS A 52 -19.86 34.15 -54.76
CA LYS A 52 -19.78 33.30 -55.95
C LYS A 52 -20.86 32.23 -55.90
N GLN A 53 -21.57 32.06 -57.00
CA GLN A 53 -22.64 31.08 -57.08
C GLN A 53 -22.06 29.68 -57.24
N LEU A 54 -22.64 28.73 -56.53
CA LEU A 54 -22.20 27.33 -56.59
C LEU A 54 -23.18 26.43 -57.32
N LEU A 55 -24.48 26.60 -57.10
CA LEU A 55 -25.47 25.82 -57.83
C LEU A 55 -26.83 26.50 -57.73
N TYR A 56 -27.75 26.06 -58.58
CA TYR A 56 -29.09 26.63 -58.54
C TYR A 56 -30.12 25.64 -59.06
N TRP A 57 -31.36 25.90 -58.66
CA TRP A 57 -32.54 25.19 -59.13
C TRP A 57 -33.45 26.18 -59.84
N ASN A 58 -33.91 25.77 -61.03
CA ASN A 58 -34.88 26.53 -61.80
C ASN A 58 -36.26 26.46 -61.15
N PRO A 59 -37.08 27.49 -61.35
CA PRO A 59 -38.43 27.48 -60.75
C PRO A 59 -39.25 26.28 -61.23
N GLY A 60 -39.64 25.44 -60.27
CA GLY A 60 -40.44 24.26 -60.55
C GLY A 60 -39.67 22.98 -60.70
N SER A 61 -38.35 23.05 -60.83
CA SER A 61 -37.50 21.88 -61.04
C SER A 61 -36.74 21.53 -59.76
N ASP A 62 -36.68 20.24 -59.45
CA ASP A 62 -35.89 19.73 -58.34
C ASP A 62 -34.52 19.25 -58.78
N THR A 63 -34.13 19.52 -60.02
CA THR A 63 -32.84 19.06 -60.52
C THR A 63 -31.79 20.14 -60.33
N PRO A 64 -30.69 19.87 -59.62
CA PRO A 64 -29.67 20.90 -59.40
C PRO A 64 -28.91 21.21 -60.67
N THR A 65 -28.54 22.48 -60.83
CA THR A 65 -27.79 22.94 -61.99
C THR A 65 -26.45 23.51 -61.52
N TYR A 66 -25.47 22.61 -61.34
CA TYR A 66 -24.15 23.02 -60.87
C TYR A 66 -23.44 23.84 -61.94
N ILE A 67 -22.76 24.91 -61.51
CA ILE A 67 -22.07 25.77 -62.47
C ILE A 67 -20.58 25.87 -62.16
N SER A 68 -20.22 25.77 -60.89
CA SER A 68 -18.83 25.94 -60.46
C SER A 68 -18.35 24.68 -59.73
N GLY A 69 -17.07 24.72 -59.35
CA GLY A 69 -16.51 23.64 -58.57
C GLY A 69 -16.28 22.41 -59.42
N LYS A 70 -16.22 21.26 -58.74
CA LYS A 70 -16.07 19.97 -59.38
C LYS A 70 -17.27 19.14 -58.97
N PRO A 71 -18.12 18.71 -59.90
CA PRO A 71 -19.31 17.93 -59.54
C PRO A 71 -18.97 16.59 -58.94
N GLY A 72 -18.97 16.56 -57.61
CA GLY A 72 -18.50 15.43 -56.84
C GLY A 72 -18.23 15.88 -55.43
N ARG A 73 -17.70 17.11 -55.33
CA ARG A 73 -17.45 17.73 -54.03
C ARG A 73 -18.72 18.28 -53.39
N TYR A 74 -19.72 18.63 -54.19
CA TYR A 74 -20.99 19.14 -53.69
C TYR A 74 -22.12 18.17 -54.04
N ARG A 75 -23.13 18.13 -53.18
CA ARG A 75 -24.34 17.32 -53.41
C ARG A 75 -25.53 18.14 -52.95
N ALA A 76 -26.35 18.59 -53.88
CA ALA A 76 -27.48 19.46 -53.56
C ALA A 76 -28.79 18.68 -53.59
N GLU A 77 -29.83 19.28 -53.01
CA GLU A 77 -31.13 18.62 -52.94
C GLU A 77 -32.20 19.64 -52.59
N LYS A 78 -33.13 19.90 -53.51
CA LYS A 78 -34.28 20.75 -53.23
C LYS A 78 -35.54 19.89 -53.13
N ASN A 79 -36.34 20.15 -52.11
CA ASN A 79 -37.64 19.51 -51.96
C ASN A 79 -38.66 20.60 -51.62
N PHE A 80 -39.49 20.97 -52.59
CA PHE A 80 -40.46 22.03 -52.38
C PHE A 80 -41.62 21.57 -51.50
N ARG A 81 -41.85 20.26 -51.42
CA ARG A 81 -42.86 19.73 -50.50
C ARG A 81 -42.52 20.11 -49.06
N GLN A 82 -41.36 19.67 -48.58
CA GLN A 82 -40.90 20.00 -47.23
C GLN A 82 -40.29 21.39 -47.13
N LYS A 83 -40.17 22.11 -48.24
CA LYS A 83 -39.62 23.47 -48.26
C LYS A 83 -38.17 23.48 -47.77
N VAL A 84 -37.35 22.59 -48.33
CA VAL A 84 -35.96 22.45 -47.91
C VAL A 84 -35.05 22.62 -49.12
N MET A 85 -33.89 23.22 -48.89
CA MET A 85 -32.80 23.26 -49.85
C MET A 85 -31.52 22.89 -49.12
N LYS A 86 -30.91 21.78 -49.51
CA LYS A 86 -29.73 21.22 -48.87
C LYS A 86 -28.54 21.30 -49.81
N LEU A 87 -27.37 21.54 -49.21
CA LEU A 87 -26.09 21.51 -49.91
C LEU A 87 -25.10 20.78 -49.00
N GLN A 88 -24.49 19.72 -49.53
CA GLN A 88 -23.55 18.91 -48.78
C GLN A 88 -22.18 19.02 -49.41
N ILE A 89 -21.17 19.25 -48.58
CA ILE A 89 -19.77 19.17 -48.99
C ILE A 89 -19.25 17.80 -48.57
N ALA A 90 -18.69 17.06 -49.53
CA ALA A 90 -18.37 15.66 -49.30
C ALA A 90 -17.22 15.51 -48.32
N LYS A 91 -16.06 16.06 -48.67
CA LYS A 91 -14.86 15.96 -47.83
C LYS A 91 -14.41 17.37 -47.52
N ALA A 92 -14.75 17.85 -46.32
CA ALA A 92 -14.42 19.21 -45.92
C ALA A 92 -12.91 19.45 -45.93
N THR A 93 -12.50 20.52 -46.60
CA THR A 93 -11.12 21.00 -46.57
C THR A 93 -11.06 22.31 -45.79
N GLN A 94 -9.83 22.77 -45.57
CA GLN A 94 -9.64 24.04 -44.87
C GLN A 94 -10.08 25.22 -45.74
N GLN A 95 -9.89 25.10 -47.05
CA GLN A 95 -10.31 26.15 -47.97
C GLN A 95 -11.83 26.31 -48.02
N ASP A 96 -12.58 25.32 -47.54
CA ASP A 96 -14.04 25.43 -47.46
C ASP A 96 -14.51 26.36 -46.34
N SER A 97 -13.62 26.78 -45.44
CA SER A 97 -13.99 27.73 -44.40
C SER A 97 -14.34 29.08 -45.00
N SER A 98 -15.63 29.30 -45.24
CA SER A 98 -16.09 30.53 -45.87
C SER A 98 -17.51 30.82 -45.40
N ARG A 99 -18.08 31.90 -45.93
CA ARG A 99 -19.49 32.22 -45.74
C ARG A 99 -20.31 31.56 -46.83
N TYR A 100 -21.39 30.90 -46.44
CA TYR A 100 -22.29 30.22 -47.37
C TYR A 100 -23.69 30.83 -47.27
N PHE A 101 -24.33 31.02 -48.43
CA PHE A 101 -25.60 31.70 -48.53
C PHE A 101 -26.62 30.86 -49.30
N CYS A 102 -27.84 30.80 -48.77
CA CYS A 102 -29.01 30.36 -49.51
C CYS A 102 -29.67 31.60 -50.12
N GLN A 103 -29.74 31.64 -51.44
CA GLN A 103 -30.20 32.83 -52.16
C GLN A 103 -31.49 32.52 -52.92
N LEU A 104 -32.30 33.55 -53.13
CA LEU A 104 -33.49 33.46 -53.94
C LEU A 104 -33.50 34.66 -54.88
N THR A 105 -33.80 34.41 -56.16
CA THR A 105 -33.88 35.51 -57.11
C THR A 105 -34.84 35.14 -58.23
N ASP A 106 -35.33 36.16 -58.93
CA ASP A 106 -36.29 35.94 -60.01
C ASP A 106 -35.69 35.99 -61.41
N ASN A 107 -34.46 36.50 -61.56
CA ASN A 107 -33.82 36.54 -62.86
C ASN A 107 -32.32 36.68 -62.68
N LEU A 108 -31.55 36.00 -63.53
CA LEU A 108 -30.11 36.04 -63.46
C LEU A 108 -29.52 36.96 -64.52
N ASP A 115 -32.71 41.95 -57.12
CA ASP A 115 -33.84 41.30 -56.48
C ASP A 115 -33.39 39.99 -55.84
N PHE A 116 -32.20 40.02 -55.24
CA PHE A 116 -31.59 38.87 -54.60
C PHE A 116 -31.80 38.93 -53.09
N CYS A 117 -32.48 37.94 -52.53
CA CYS A 117 -32.64 37.82 -51.09
C CYS A 117 -31.90 36.59 -50.61
N SER A 118 -30.86 36.78 -49.80
CA SER A 118 -30.06 35.65 -49.35
C SER A 118 -29.86 35.66 -47.84
N CYS A 119 -29.79 34.46 -47.27
CA CYS A 119 -29.55 34.22 -45.86
C CYS A 119 -28.33 33.32 -45.72
N GLY A 120 -27.33 33.74 -44.94
CA GLY A 120 -26.06 33.07 -44.90
C GLY A 120 -25.58 32.80 -43.48
N THR A 121 -24.53 31.97 -43.41
CA THR A 121 -23.84 31.66 -42.18
C THR A 121 -22.36 31.44 -42.51
N THR A 122 -21.56 31.14 -41.49
CA THR A 122 -20.15 30.83 -41.68
C THR A 122 -19.90 29.34 -41.48
N LEU A 123 -18.75 28.89 -41.96
CA LEU A 123 -18.33 27.49 -41.82
C LEU A 123 -16.89 27.46 -41.31
N LYS A 124 -16.69 26.83 -40.17
CA LYS A 124 -15.37 26.63 -39.59
C LYS A 124 -14.96 25.18 -39.76
N VAL A 125 -13.69 24.97 -40.10
CA VAL A 125 -13.13 23.65 -40.37
C VAL A 125 -12.02 23.41 -39.36
N GLN A 126 -12.26 22.49 -38.43
CA GLN A 126 -11.26 22.12 -37.44
C GLN A 126 -10.46 20.93 -37.93
N ALA A 127 -9.25 20.80 -37.40
CA ALA A 127 -8.38 19.71 -37.81
C ALA A 127 -8.73 18.44 -37.03
N VAL A 128 -8.37 17.31 -37.59
CA VAL A 128 -8.56 16.04 -36.89
C VAL A 128 -7.59 15.98 -35.71
N PRO A 129 -8.05 15.65 -34.51
CA PRO A 129 -7.17 15.64 -33.35
C PRO A 129 -6.07 14.59 -33.52
N PRO A 130 -4.85 14.89 -33.06
CA PRO A 130 -3.77 13.91 -33.18
C PRO A 130 -4.06 12.69 -32.31
N SER A 131 -4.02 11.52 -32.94
CA SER A 131 -4.27 10.28 -32.21
C SER A 131 -3.14 10.04 -31.21
N SER A 132 -3.52 9.82 -29.95
CA SER A 132 -2.57 9.54 -28.89
C SER A 132 -2.89 8.20 -28.25
N ALA A 133 -1.92 7.69 -27.50
CA ALA A 133 -2.05 6.39 -26.85
C ALA A 133 -2.48 6.55 -25.41
N PRO A 134 -3.32 5.66 -24.90
CA PRO A 134 -3.82 5.81 -23.53
C PRO A 134 -2.78 5.43 -22.50
N LEU A 135 -2.66 6.26 -21.47
CA LEU A 135 -1.87 5.93 -20.29
C LEU A 135 -2.75 5.12 -19.35
N VAL A 136 -2.31 3.91 -19.03
CA VAL A 136 -3.08 2.96 -18.24
C VAL A 136 -2.44 2.84 -16.86
N GLU A 137 -3.27 2.90 -15.83
CA GLU A 137 -2.82 2.82 -14.45
C GLU A 137 -3.76 1.91 -13.68
N LEU A 138 -3.19 0.90 -13.02
CA LEU A 138 -3.94 -0.05 -12.22
C LEU A 138 -3.67 0.23 -10.74
N HIS A 139 -4.72 0.47 -9.97
CA HIS A 139 -4.59 0.82 -8.56
C HIS A 139 -5.54 -0.03 -7.73
N SER A 140 -5.19 -0.14 -6.45
CA SER A 140 -5.91 -0.99 -5.51
C SER A 140 -5.64 -0.47 -4.10
N PRO A 141 -6.40 -0.92 -3.11
CA PRO A 141 -6.02 -0.67 -1.72
C PRO A 141 -4.78 -1.47 -1.35
N PHE A 142 -4.34 -1.36 -0.10
CA PHE A 142 -3.18 -2.12 0.37
C PHE A 142 -3.36 -3.60 0.05
N ALA A 143 -2.53 -4.12 -0.87
CA ALA A 143 -2.66 -5.47 -1.36
C ALA A 143 -1.53 -6.37 -0.86
N GLY A 144 -1.06 -6.11 0.37
CA GLY A 144 0.01 -6.87 0.96
C GLY A 144 -0.51 -8.04 1.78
N GLN A 145 0.42 -8.65 2.52
CA GLN A 145 0.06 -9.77 3.39
C GLN A 145 -0.70 -9.29 4.62
N LEU A 146 -0.31 -8.14 5.18
CA LEU A 146 -0.99 -7.57 6.34
C LEU A 146 -2.32 -6.93 5.98
N ARG A 147 -2.87 -7.24 4.81
CA ARG A 147 -4.13 -6.65 4.37
C ARG A 147 -5.28 -7.03 5.29
N GLU A 148 -6.02 -6.02 5.74
CA GLU A 148 -7.13 -6.21 6.67
C GLU A 148 -8.37 -6.71 5.93
N ASN A 149 -9.32 -7.24 6.69
CA ASN A 149 -10.56 -7.74 6.13
C ASN A 149 -11.44 -6.61 5.62
N GLY A 150 -12.09 -6.85 4.50
CA GLY A 150 -13.00 -5.88 3.92
C GLY A 150 -13.08 -6.04 2.41
N THR A 151 -14.11 -5.44 1.83
CA THR A 151 -14.30 -5.44 0.39
C THR A 151 -13.35 -4.47 -0.28
N ALA A 152 -13.04 -4.72 -1.54
CA ALA A 152 -12.07 -3.92 -2.28
C ALA A 152 -12.67 -3.40 -3.57
N THR A 153 -12.03 -2.39 -4.14
CA THR A 153 -12.42 -1.82 -5.43
C THR A 153 -11.16 -1.58 -6.25
N LEU A 154 -10.96 -2.42 -7.27
CA LEU A 154 -9.83 -2.26 -8.18
C LEU A 154 -10.15 -1.19 -9.20
N LEU A 155 -9.15 -0.38 -9.54
CA LEU A 155 -9.35 0.76 -10.43
C LEU A 155 -8.39 0.65 -11.61
N CYS A 156 -8.93 0.85 -12.82
CA CYS A 156 -8.13 0.91 -14.03
C CYS A 156 -8.46 2.22 -14.74
N LEU A 157 -7.49 3.13 -14.76
CA LEU A 157 -7.64 4.44 -15.38
C LEU A 157 -6.90 4.47 -16.71
N ALA A 158 -7.54 5.01 -17.75
CA ALA A 158 -6.91 5.16 -19.05
C ALA A 158 -7.12 6.61 -19.50
N SER A 159 -6.04 7.37 -19.57
CA SER A 159 -6.13 8.81 -19.81
C SER A 159 -5.35 9.23 -21.04
N GLY A 160 -5.82 10.31 -21.68
CA GLY A 160 -5.03 10.97 -22.70
C GLY A 160 -4.92 10.25 -24.03
N PHE A 161 -6.06 9.81 -24.58
CA PHE A 161 -6.06 9.07 -25.83
C PHE A 161 -7.11 9.64 -26.78
N TYR A 162 -6.92 9.36 -28.07
CA TYR A 162 -7.85 9.74 -29.12
C TYR A 162 -7.69 8.73 -30.26
N PRO A 163 -8.78 8.26 -30.86
CA PRO A 163 -10.19 8.57 -30.55
C PRO A 163 -10.71 7.87 -29.31
N SER A 164 -12.02 7.71 -29.18
CA SER A 164 -12.64 7.16 -27.98
C SER A 164 -12.92 5.66 -28.08
N ASN A 165 -12.33 4.98 -29.05
CA ASN A 165 -12.56 3.55 -29.24
C ASN A 165 -11.53 2.75 -28.42
N VAL A 166 -11.72 2.81 -27.10
CA VAL A 166 -10.89 2.07 -26.15
C VAL A 166 -11.75 0.99 -25.52
N ARG A 167 -11.12 -0.15 -25.21
CA ARG A 167 -11.80 -1.26 -24.55
C ARG A 167 -11.02 -1.65 -23.31
N ILE A 168 -11.68 -1.64 -22.16
CA ILE A 168 -11.09 -2.01 -20.88
C ILE A 168 -11.76 -3.28 -20.39
N SER A 169 -10.97 -4.34 -20.17
CA SER A 169 -11.48 -5.62 -19.72
C SER A 169 -10.69 -6.07 -18.49
N TRP A 170 -11.31 -6.98 -17.74
CA TRP A 170 -10.75 -7.48 -16.49
C TRP A 170 -10.57 -8.98 -16.57
N GLN A 171 -9.50 -9.49 -15.96
CA GLN A 171 -9.24 -10.92 -15.90
C GLN A 171 -8.81 -11.30 -14.49
N MET A 172 -9.25 -12.47 -14.03
CA MET A 172 -8.79 -13.05 -12.78
C MET A 172 -8.28 -14.45 -13.06
N ASP A 173 -7.01 -14.69 -12.73
CA ASP A 173 -6.39 -16.00 -12.91
C ASP A 173 -6.54 -16.50 -14.34
N GLY A 174 -6.45 -15.56 -15.29
CA GLY A 174 -6.54 -15.88 -16.70
C GLY A 174 -7.93 -15.90 -17.28
N ARG A 175 -8.97 -15.93 -16.45
CA ARG A 175 -10.35 -15.99 -16.92
C ARG A 175 -10.95 -14.59 -16.97
N THR A 176 -11.57 -14.25 -18.09
CA THR A 176 -12.22 -12.95 -18.23
C THR A 176 -13.36 -12.81 -17.21
N VAL A 177 -13.41 -11.66 -16.55
CA VAL A 177 -14.41 -11.36 -15.54
C VAL A 177 -15.35 -10.30 -16.10
N THR A 178 -16.65 -10.51 -15.91
CA THR A 178 -17.67 -9.58 -16.40
C THR A 178 -18.52 -9.02 -15.27
N ALA A 179 -18.82 -9.81 -14.24
CA ALA A 179 -19.64 -9.35 -13.14
C ALA A 179 -18.87 -8.33 -12.30
N ARG A 180 -19.60 -7.32 -11.80
CA ARG A 180 -19.09 -6.28 -10.92
C ARG A 180 -18.10 -5.35 -11.62
N VAL A 181 -18.19 -5.24 -12.95
CA VAL A 181 -17.34 -4.33 -13.71
C VAL A 181 -18.18 -3.12 -14.09
N SER A 182 -17.81 -1.96 -13.56
CA SER A 182 -18.56 -0.72 -13.80
C SER A 182 -17.62 0.30 -14.42
N GLN A 183 -17.98 0.83 -15.59
CA GLN A 183 -17.19 1.84 -16.27
C GLN A 183 -18.01 3.11 -16.38
N GLN A 184 -17.50 4.19 -15.79
CA GLN A 184 -18.18 5.47 -15.85
C GLN A 184 -18.24 5.98 -17.29
N PRO A 185 -19.12 6.92 -17.59
CA PRO A 185 -19.25 7.41 -18.97
C PRO A 185 -17.96 8.02 -19.49
N MET A 186 -17.78 7.91 -20.81
CA MET A 186 -16.60 8.45 -21.49
C MET A 186 -16.49 9.95 -21.25
N CYS A 187 -15.26 10.46 -21.34
CA CYS A 187 -14.97 11.83 -20.94
C CYS A 187 -14.03 12.48 -21.95
N GLN A 188 -14.04 13.80 -21.98
CA GLN A 188 -13.25 14.55 -22.95
C GLN A 188 -12.85 15.90 -22.38
N ASP A 189 -11.62 16.34 -22.66
CA ASP A 189 -11.08 17.60 -22.18
C ASP A 189 -11.09 18.67 -23.28
N GLU A 190 -10.45 19.81 -23.00
CA GLU A 190 -10.41 20.90 -23.98
C GLU A 190 -9.52 20.56 -25.17
N ARG A 191 -8.50 19.74 -24.97
CA ARG A 191 -7.63 19.30 -26.06
C ARG A 191 -8.18 18.10 -26.81
N GLU A 192 -9.45 17.74 -26.58
CA GLU A 192 -10.12 16.65 -27.28
C GLU A 192 -9.49 15.28 -26.99
N LYS A 193 -8.80 15.14 -25.86
CA LYS A 193 -8.28 13.86 -25.41
C LYS A 193 -9.26 13.21 -24.44
N TYR A 194 -9.43 11.90 -24.57
CA TYR A 194 -10.44 11.17 -23.81
C TYR A 194 -9.84 10.51 -22.56
N THR A 195 -10.73 10.20 -21.62
CA THR A 195 -10.35 9.54 -20.37
C THR A 195 -11.46 8.58 -19.95
N ALA A 196 -11.08 7.35 -19.67
CA ALA A 196 -12.01 6.30 -19.27
C ALA A 196 -11.58 5.72 -17.92
N VAL A 197 -12.57 5.35 -17.11
CA VAL A 197 -12.34 4.85 -15.75
C VAL A 197 -13.16 3.59 -15.57
N SER A 198 -12.49 2.47 -15.32
CA SER A 198 -13.17 1.20 -15.02
C SER A 198 -12.89 0.79 -13.59
N ARG A 199 -13.88 0.15 -12.96
CA ARG A 199 -13.76 -0.31 -11.59
C ARG A 199 -14.29 -1.73 -11.48
N LEU A 200 -13.60 -2.56 -10.70
CA LEU A 200 -14.00 -3.93 -10.44
C LEU A 200 -14.14 -4.10 -8.94
N GLN A 201 -15.37 -4.35 -8.47
CA GLN A 201 -15.62 -4.50 -7.04
C GLN A 201 -15.43 -5.95 -6.63
N LEU A 202 -14.73 -6.16 -5.51
CA LEU A 202 -14.37 -7.49 -5.05
C LEU A 202 -14.87 -7.70 -3.63
N SER A 203 -15.49 -8.85 -3.40
CA SER A 203 -15.97 -9.23 -2.07
C SER A 203 -14.80 -9.58 -1.16
N SER A 204 -15.08 -9.55 0.15
CA SER A 204 -14.06 -9.83 1.15
C SER A 204 -13.36 -11.16 0.89
N SER A 205 -14.14 -12.22 0.63
CA SER A 205 -13.58 -13.55 0.44
C SER A 205 -12.55 -13.57 -0.69
N THR A 206 -12.98 -13.22 -1.90
CA THR A 206 -12.07 -13.25 -3.05
C THR A 206 -10.91 -12.29 -2.87
N TRP A 207 -11.14 -11.14 -2.23
CA TRP A 207 -10.07 -10.16 -2.07
C TRP A 207 -9.00 -10.64 -1.11
N MET A 208 -9.38 -11.35 -0.04
CA MET A 208 -8.38 -11.84 0.90
C MET A 208 -7.71 -13.13 0.45
N GLU A 209 -8.06 -13.66 -0.71
CA GLU A 209 -7.41 -14.85 -1.25
C GLU A 209 -6.29 -14.45 -2.20
N ALA A 210 -5.38 -15.40 -2.43
CA ALA A 210 -4.31 -15.19 -3.40
C ALA A 210 -4.87 -15.28 -4.82
N HIS A 211 -4.72 -14.20 -5.58
CA HIS A 211 -5.27 -14.15 -6.93
C HIS A 211 -4.39 -13.27 -7.80
N ARG A 212 -4.60 -13.38 -9.11
CA ARG A 212 -3.83 -12.63 -10.11
C ARG A 212 -4.81 -11.82 -10.95
N TYR A 213 -4.99 -10.55 -10.60
CA TYR A 213 -5.89 -9.67 -11.32
C TYR A 213 -5.16 -9.01 -12.48
N GLN A 214 -5.90 -8.71 -13.54
CA GLN A 214 -5.32 -8.12 -14.74
C GLN A 214 -6.33 -7.15 -15.35
N CYS A 215 -5.83 -6.00 -15.80
CA CYS A 215 -6.62 -5.06 -16.58
C CYS A 215 -6.00 -4.98 -17.96
N THR A 216 -6.79 -5.28 -19.00
CA THR A 216 -6.34 -5.27 -20.37
C THR A 216 -7.02 -4.11 -21.10
N VAL A 217 -6.22 -3.24 -21.71
CA VAL A 217 -6.71 -2.07 -22.43
C VAL A 217 -6.30 -2.20 -23.88
N THR A 218 -7.29 -2.17 -24.78
CA THR A 218 -7.06 -2.26 -26.21
C THR A 218 -7.47 -0.95 -26.87
N HIS A 219 -6.61 -0.48 -27.78
CA HIS A 219 -6.77 0.78 -28.48
C HIS A 219 -6.11 0.66 -29.83
N PRO A 220 -6.66 1.26 -30.89
CA PRO A 220 -6.05 1.09 -32.23
C PRO A 220 -4.65 1.64 -32.35
N THR A 221 -4.28 2.65 -31.57
CA THR A 221 -2.90 3.16 -31.60
C THR A 221 -1.91 2.19 -30.98
N LEU A 222 -2.37 1.06 -30.44
CA LEU A 222 -1.52 0.06 -29.83
C LEU A 222 -1.59 -1.22 -30.66
N SER A 223 -0.43 -1.72 -31.07
CA SER A 223 -0.41 -2.99 -31.79
C SER A 223 -0.74 -4.15 -30.87
N ARG A 224 -0.33 -4.08 -29.60
CA ARG A 224 -0.65 -5.06 -28.59
C ARG A 224 -1.31 -4.38 -27.40
N PRO A 225 -2.34 -5.00 -26.82
CA PRO A 225 -3.02 -4.38 -25.68
C PRO A 225 -2.10 -4.19 -24.49
N ILE A 226 -2.35 -3.12 -23.73
CA ILE A 226 -1.60 -2.85 -22.51
C ILE A 226 -2.24 -3.65 -21.38
N VAL A 227 -1.45 -4.50 -20.73
CA VAL A 227 -1.94 -5.36 -19.66
C VAL A 227 -1.22 -5.00 -18.38
N LYS A 228 -1.98 -4.59 -17.38
CA LYS A 228 -1.47 -4.35 -16.03
C LYS A 228 -1.88 -5.49 -15.12
N GLU A 229 -0.99 -5.88 -14.21
CA GLU A 229 -1.19 -7.06 -13.38
C GLU A 229 -1.01 -6.71 -11.91
N LEU A 230 -1.82 -7.35 -11.07
CA LEU A 230 -1.73 -7.24 -9.61
C LEU A 230 -1.80 -8.65 -9.04
N ARG A 231 -0.69 -9.10 -8.46
CA ARG A 231 -0.57 -10.46 -7.93
C ARG A 231 -0.62 -10.38 -6.41
N THR A 232 -1.73 -10.80 -5.81
CA THR A 232 -1.93 -10.73 -4.37
C THR A 232 -1.81 -12.11 -3.74
N LEU A 233 -1.04 -12.20 -2.66
CA LEU A 233 -0.95 -13.42 -1.88
C LEU A 233 -2.15 -13.52 -0.93
N ALA A 234 -2.30 -14.69 -0.32
CA ALA A 234 -3.35 -14.91 0.66
C ALA A 234 -3.17 -13.98 1.85
N SER A 235 -4.28 -13.50 2.39
CA SER A 235 -4.25 -12.54 3.48
C SER A 235 -4.02 -13.24 4.82
N LEU A 236 -3.15 -12.66 5.64
CA LEU A 236 -2.88 -13.18 6.97
C LEU A 236 -3.98 -12.85 7.97
N SER A 237 -4.98 -12.06 7.56
CA SER A 237 -6.10 -11.73 8.43
C SER A 237 -7.12 -12.86 8.54
N LEU A 238 -7.04 -13.86 7.67
CA LEU A 238 -7.89 -15.04 7.78
C LEU A 238 -7.20 -16.19 8.50
N ARG A 239 -6.00 -15.97 9.02
CA ARG A 239 -5.33 -16.97 9.83
C ARG A 239 -5.98 -17.04 11.21
N ARG A 240 -6.24 -18.25 11.69
CA ARG A 240 -6.84 -18.40 12.99
C ARG A 240 -5.86 -17.99 14.09
N PRO A 241 -6.31 -17.24 15.09
CA PRO A 241 -5.45 -16.86 16.21
C PRO A 241 -4.76 -18.07 16.84
N THR A 242 -3.48 -17.91 17.15
CA THR A 242 -2.67 -18.95 17.77
C THR A 242 -2.64 -18.74 19.28
N ILE A 243 -2.93 -19.80 20.03
CA ILE A 243 -2.97 -19.73 21.49
C ILE A 243 -1.84 -20.59 22.04
N ARG A 244 -1.04 -20.01 22.93
CA ARG A 244 0.04 -20.73 23.59
C ARG A 244 -0.16 -20.65 25.10
N MET A 245 0.06 -21.77 25.78
CA MET A 245 -0.18 -21.87 27.21
C MET A 245 1.14 -21.84 27.97
N ILE A 246 1.16 -21.10 29.08
CA ILE A 246 2.32 -20.95 29.95
C ILE A 246 1.99 -21.66 31.26
N PRO A 247 2.64 -22.77 31.57
CA PRO A 247 2.35 -23.49 32.82
C PRO A 247 2.84 -22.70 34.02
N PRO A 248 2.33 -23.00 35.21
CA PRO A 248 2.77 -22.26 36.40
C PRO A 248 4.24 -22.53 36.71
N SER A 249 4.90 -21.50 37.24
CA SER A 249 6.28 -21.64 37.64
C SER A 249 6.37 -22.31 39.01
N ILE A 250 7.36 -23.20 39.16
CA ILE A 250 7.56 -23.86 40.44
C ILE A 250 7.97 -22.86 41.51
N ARG A 251 8.64 -21.78 41.10
CA ARG A 251 8.99 -20.70 42.03
C ARG A 251 7.74 -20.16 42.72
N GLU A 252 6.72 -19.83 41.93
CA GLU A 252 5.46 -19.34 42.52
C GLU A 252 4.76 -20.44 43.30
N MET A 253 4.83 -21.69 42.81
CA MET A 253 4.11 -22.78 43.46
C MET A 253 4.65 -23.09 44.85
N VAL A 254 5.97 -22.92 45.06
CA VAL A 254 6.54 -23.21 46.38
C VAL A 254 6.58 -21.97 47.27
N THR A 255 6.83 -20.79 46.68
CA THR A 255 6.92 -19.57 47.49
C THR A 255 5.52 -19.06 47.84
N HIS A 256 4.79 -18.56 46.83
CA HIS A 256 3.45 -18.03 47.10
C HIS A 256 2.45 -19.13 47.41
N ARG A 257 2.67 -20.35 46.93
CA ARG A 257 1.72 -21.46 47.01
C ARG A 257 0.41 -21.14 46.29
N ASN A 258 0.46 -20.18 45.36
CA ASN A 258 -0.53 -19.97 44.33
C ASN A 258 -0.04 -20.70 43.07
N ALA A 259 -0.87 -20.70 42.03
CA ALA A 259 -0.46 -21.25 40.74
C ALA A 259 -1.01 -20.37 39.63
N THR A 260 -0.13 -19.71 38.88
CA THR A 260 -0.55 -18.77 37.85
C THR A 260 -0.31 -19.39 36.48
N LEU A 261 -1.40 -19.57 35.74
CA LEU A 261 -1.37 -20.07 34.37
C LEU A 261 -1.49 -18.90 33.41
N GLY A 262 -0.80 -18.98 32.28
CA GLY A 262 -0.78 -17.91 31.30
C GLY A 262 -1.33 -18.36 29.97
N CYS A 263 -1.96 -17.43 29.26
CA CYS A 263 -2.54 -17.68 27.95
C CYS A 263 -2.15 -16.55 27.03
N VAL A 264 -1.33 -16.86 26.02
CA VAL A 264 -0.82 -15.87 25.07
C VAL A 264 -1.54 -16.10 23.75
N ALA A 265 -2.36 -15.13 23.34
CA ALA A 265 -3.11 -15.21 22.10
C ALA A 265 -2.49 -14.26 21.09
N THR A 266 -2.15 -14.79 19.92
CA THR A 266 -1.52 -14.05 18.84
C THR A 266 -2.47 -14.03 17.65
N GLN A 267 -2.98 -12.85 17.32
CA GLN A 267 -3.79 -12.61 16.14
C GLN A 267 -3.00 -11.79 15.14
N PHE A 268 -3.62 -11.50 14.00
CA PHE A 268 -3.11 -10.51 13.06
C PHE A 268 -4.01 -9.28 12.97
N ILE A 269 -5.06 -9.23 13.78
CA ILE A 269 -5.95 -8.08 13.87
C ILE A 269 -5.65 -7.37 15.19
N PRO A 270 -5.50 -6.04 15.19
CA PRO A 270 -5.20 -5.32 16.43
C PRO A 270 -6.39 -5.13 17.36
N ASP A 271 -7.55 -5.72 17.05
CA ASP A 271 -8.72 -5.58 17.90
C ASP A 271 -8.43 -6.12 19.30
N PRO A 272 -9.06 -5.56 20.33
CA PRO A 272 -8.87 -6.08 21.69
C PRO A 272 -9.33 -7.52 21.79
N ILE A 273 -8.54 -8.33 22.49
CA ILE A 273 -8.79 -9.76 22.61
C ILE A 273 -9.44 -10.05 23.96
N THR A 274 -10.53 -10.81 23.94
CA THR A 274 -11.26 -11.17 25.15
C THR A 274 -10.93 -12.62 25.51
N PHE A 275 -10.41 -12.83 26.71
CA PHE A 275 -10.01 -14.15 27.18
C PHE A 275 -11.04 -14.69 28.16
N SER A 276 -11.31 -15.99 28.07
CA SER A 276 -12.16 -16.69 29.01
C SER A 276 -11.44 -17.94 29.50
N TRP A 277 -11.64 -18.28 30.77
CA TRP A 277 -11.03 -19.45 31.38
C TRP A 277 -12.12 -20.43 31.80
N MET A 278 -11.92 -21.70 31.48
CA MET A 278 -12.83 -22.76 31.87
C MET A 278 -12.09 -23.73 32.78
N ALA A 279 -12.77 -24.17 33.84
CA ALA A 279 -12.25 -25.18 34.75
C ALA A 279 -13.12 -26.43 34.58
N GLN A 280 -12.50 -27.51 34.09
CA GLN A 280 -13.20 -28.77 33.80
C GLN A 280 -14.35 -28.56 32.83
N GLY A 281 -14.20 -27.59 31.92
CA GLY A 281 -15.21 -27.27 30.93
C GLY A 281 -16.10 -26.11 31.32
N LEU A 282 -16.33 -25.89 32.61
CA LEU A 282 -17.18 -24.81 33.08
C LEU A 282 -16.37 -23.52 33.24
N GLU A 283 -16.94 -22.43 32.77
CA GLU A 283 -16.27 -21.13 32.86
C GLU A 283 -16.16 -20.68 34.30
N ILE A 284 -14.99 -20.15 34.66
CA ILE A 284 -14.77 -19.64 36.01
C ILE A 284 -15.30 -18.21 36.07
N PRO A 285 -16.29 -17.92 36.92
CA PRO A 285 -16.84 -16.57 36.98
C PRO A 285 -15.80 -15.57 37.48
N GLY A 286 -15.93 -14.33 36.98
CA GLY A 286 -15.06 -13.25 37.37
C GLY A 286 -13.68 -13.28 36.77
N THR A 287 -13.37 -14.24 35.90
CA THR A 287 -12.04 -14.36 35.32
C THR A 287 -11.96 -13.91 33.87
N SER A 288 -13.07 -13.93 33.13
CA SER A 288 -13.09 -13.42 31.77
C SER A 288 -12.63 -11.97 31.75
N GLN A 289 -11.62 -11.68 30.93
CA GLN A 289 -11.06 -10.33 30.90
C GLN A 289 -10.57 -10.01 29.49
N THR A 290 -10.74 -8.75 29.10
CA THR A 290 -10.32 -8.28 27.78
C THR A 290 -9.06 -7.44 27.90
N LEU A 291 -8.12 -7.68 27.00
CA LEU A 291 -6.84 -6.98 27.00
C LEU A 291 -6.53 -6.48 25.59
N VAL A 292 -5.66 -5.48 25.54
CA VAL A 292 -5.28 -4.83 24.29
C VAL A 292 -4.03 -5.54 23.76
N PRO A 293 -4.04 -6.06 22.55
CA PRO A 293 -2.87 -6.77 22.03
C PRO A 293 -1.71 -5.82 21.78
N THR A 294 -0.54 -6.41 21.53
CA THR A 294 0.72 -5.68 21.38
C THR A 294 1.36 -6.08 20.06
N ALA A 295 1.66 -5.08 19.22
CA ALA A 295 2.25 -5.33 17.91
C ALA A 295 3.56 -6.10 18.05
N ASN A 296 3.88 -6.88 17.03
CA ASN A 296 5.07 -7.74 17.04
C ASN A 296 5.93 -7.55 15.81
N GLU A 297 6.93 -8.41 15.65
CA GLU A 297 7.90 -8.29 14.56
C GLU A 297 7.25 -8.54 13.21
N ASP A 298 6.60 -9.69 13.06
CA ASP A 298 5.93 -10.07 11.82
C ASP A 298 4.70 -9.22 11.51
N GLY A 299 4.34 -8.27 12.35
CA GLY A 299 3.12 -7.50 12.18
C GLY A 299 1.94 -8.00 13.00
N SER A 300 2.03 -9.21 13.53
CA SER A 300 0.95 -9.75 14.33
C SER A 300 0.91 -9.08 15.70
N TYR A 301 -0.23 -9.23 16.37
CA TYR A 301 -0.45 -8.69 17.70
C TYR A 301 -0.63 -9.81 18.71
N SER A 302 -0.20 -9.57 19.95
CA SER A 302 -0.21 -10.60 20.98
C SER A 302 -0.70 -10.02 22.30
N ALA A 303 -1.54 -10.78 22.99
CA ALA A 303 -2.05 -10.43 24.30
C ALA A 303 -1.83 -11.59 25.25
N ARG A 304 -1.80 -11.29 26.55
CA ARG A 304 -1.54 -12.29 27.57
C ARG A 304 -2.54 -12.14 28.72
N SER A 305 -3.15 -13.26 29.11
CA SER A 305 -4.08 -13.31 30.23
C SER A 305 -3.55 -14.27 31.28
N LEU A 306 -3.71 -13.89 32.56
CA LEU A 306 -3.23 -14.69 33.67
C LEU A 306 -4.41 -15.16 34.51
N LEU A 307 -4.32 -16.40 35.00
CA LEU A 307 -5.33 -16.96 35.89
C LEU A 307 -4.64 -17.65 37.06
N THR A 308 -4.94 -17.22 38.27
CA THR A 308 -4.35 -17.79 39.48
C THR A 308 -5.33 -18.73 40.15
N VAL A 309 -4.84 -19.91 40.54
CA VAL A 309 -5.64 -20.94 41.20
C VAL A 309 -4.89 -21.41 42.45
N ALA A 310 -5.62 -22.08 43.33
CA ALA A 310 -5.01 -22.67 44.51
C ALA A 310 -4.09 -23.81 44.11
N LEU A 311 -3.05 -24.03 44.91
CA LEU A 311 -2.10 -25.11 44.64
C LEU A 311 -2.78 -26.47 44.66
N ALA A 312 -3.70 -26.67 45.61
CA ALA A 312 -4.38 -27.96 45.72
C ALA A 312 -5.21 -28.25 44.48
N ASP A 313 -5.92 -27.25 43.97
CA ASP A 313 -6.72 -27.43 42.77
C ASP A 313 -5.86 -27.79 41.57
N TRP A 314 -4.72 -27.11 41.42
CA TRP A 314 -3.81 -27.41 40.32
C TRP A 314 -3.27 -28.84 40.43
N LYS A 315 -2.78 -29.21 41.62
CA LYS A 315 -2.19 -30.54 41.78
C LYS A 315 -3.24 -31.65 41.78
N SER A 316 -4.51 -31.31 41.94
CA SER A 316 -5.55 -32.34 41.94
C SER A 316 -5.69 -32.99 40.57
N GLY A 317 -5.53 -32.21 39.50
CA GLY A 317 -5.65 -32.75 38.16
C GLY A 317 -6.71 -32.05 37.33
N ILE A 318 -7.14 -30.88 37.78
CA ILE A 318 -8.16 -30.12 37.07
C ILE A 318 -7.61 -29.64 35.73
N SER A 319 -8.44 -29.74 34.70
CA SER A 319 -8.10 -29.26 33.35
C SER A 319 -8.51 -27.81 33.23
N TYR A 320 -7.55 -26.93 32.99
CA TYR A 320 -7.80 -25.50 32.80
C TYR A 320 -7.66 -25.17 31.33
N THR A 321 -8.72 -24.61 30.74
CA THR A 321 -8.77 -24.31 29.33
C THR A 321 -8.86 -22.80 29.12
N CYS A 322 -8.18 -22.30 28.10
CA CYS A 322 -8.23 -20.90 27.71
C CYS A 322 -8.92 -20.77 26.36
N GLN A 323 -9.87 -19.85 26.25
CA GLN A 323 -10.62 -19.65 25.02
C GLN A 323 -10.66 -18.17 24.65
N VAL A 324 -10.36 -17.89 23.39
CA VAL A 324 -10.49 -16.56 22.81
C VAL A 324 -11.38 -16.73 21.59
N PRO A 325 -12.23 -15.76 21.25
CA PRO A 325 -13.14 -15.94 20.11
C PRO A 325 -12.38 -16.27 18.82
N ASN A 326 -12.95 -17.21 18.06
CA ASN A 326 -12.39 -17.67 16.79
C ASN A 326 -11.00 -18.28 16.99
N ALA A 327 -10.99 -19.42 17.67
CA ALA A 327 -9.75 -20.16 17.92
C ALA A 327 -9.97 -21.62 17.52
N GLN A 328 -8.90 -22.41 17.63
CA GLN A 328 -8.99 -23.82 17.28
C GLN A 328 -9.91 -24.57 18.23
N SER A 329 -10.67 -25.53 17.69
CA SER A 329 -11.61 -26.27 18.51
C SER A 329 -10.91 -27.34 19.35
N ASP A 330 -9.81 -27.89 18.86
CA ASP A 330 -9.05 -28.87 19.62
C ASP A 330 -8.44 -28.21 20.85
N PRO A 331 -8.82 -28.64 22.06
CA PRO A 331 -8.28 -27.99 23.27
C PRO A 331 -6.89 -28.48 23.63
N LYS A 332 -6.21 -29.10 22.67
CA LYS A 332 -4.91 -29.71 22.88
C LYS A 332 -3.89 -28.67 23.36
N ASN A 333 -3.57 -27.72 22.50
CA ASN A 333 -2.61 -26.67 22.84
C ASN A 333 -3.25 -25.52 23.60
N ARG A 334 -4.47 -25.70 24.12
CA ARG A 334 -5.17 -24.67 24.87
C ARG A 334 -5.48 -25.06 26.32
N THR A 335 -4.98 -26.20 26.78
CA THR A 335 -5.31 -26.69 28.12
C THR A 335 -4.05 -26.92 28.93
N LEU A 336 -4.11 -26.54 30.20
CA LEU A 336 -3.02 -26.77 31.14
C LEU A 336 -3.55 -27.69 32.24
N ARG A 337 -2.92 -28.83 32.40
CA ARG A 337 -3.31 -29.80 33.42
C ARG A 337 -2.06 -30.47 33.94
N VAL A 338 -2.03 -30.71 35.26
CA VAL A 338 -0.90 -31.43 35.83
C VAL A 338 -0.86 -32.84 35.26
N GLU A 339 0.36 -33.35 35.07
CA GLU A 339 0.53 -34.66 34.45
C GLU A 339 0.01 -35.75 35.39
N ASP A 340 -0.28 -36.92 34.81
CA ASP A 340 -0.73 -38.07 35.58
C ASP A 340 0.18 -38.31 36.79
N ALA A 341 -0.45 -38.60 37.93
CA ALA A 341 0.28 -38.62 39.19
C ALA A 341 1.27 -39.78 39.26
N TRP A 342 0.98 -40.88 38.58
CA TRP A 342 1.91 -42.02 38.60
C TRP A 342 3.13 -41.80 37.73
N LEU A 343 3.18 -40.69 36.98
CA LEU A 343 4.37 -40.34 36.20
C LEU A 343 5.34 -39.44 36.96
N TRP A 344 4.97 -39.00 38.16
CA TRP A 344 5.83 -38.14 38.95
C TRP A 344 6.98 -38.93 39.56
N LYS A 345 8.12 -38.27 39.70
CA LYS A 345 9.29 -38.84 40.36
C LYS A 345 9.78 -37.86 41.40
N GLN A 346 9.99 -38.34 42.62
CA GLN A 346 10.43 -37.46 43.68
C GLN A 346 11.93 -37.19 43.55
N PRO A 347 12.36 -35.94 43.71
CA PRO A 347 13.78 -35.62 43.53
C PRO A 347 14.62 -36.14 44.69
N SER A 348 15.76 -36.76 44.36
CA SER A 348 16.74 -37.20 45.34
C SER A 348 17.82 -36.15 45.47
N LEU A 349 18.18 -35.82 46.71
CA LEU A 349 19.17 -34.80 47.02
C LEU A 349 20.44 -35.45 47.53
N ARG A 350 21.59 -34.99 47.02
CA ARG A 350 22.89 -35.45 47.50
C ARG A 350 23.80 -34.25 47.65
N MET A 351 24.22 -33.96 48.87
CA MET A 351 25.06 -32.81 49.15
C MET A 351 26.52 -33.22 49.31
N THR A 352 27.42 -32.28 48.97
CA THR A 352 28.84 -32.47 49.16
C THR A 352 29.51 -31.11 49.34
N VAL A 353 30.73 -31.14 49.87
CA VAL A 353 31.52 -29.92 50.07
C VAL A 353 32.81 -30.02 49.26
N ILE A 354 33.12 -28.96 48.51
CA ILE A 354 34.36 -28.84 47.77
C ILE A 354 34.99 -27.51 48.15
N GLY A 355 36.29 -27.38 47.86
CA GLY A 355 36.99 -26.16 48.20
C GLY A 355 37.54 -26.20 49.61
N THR A 356 38.07 -27.35 49.99
CA THR A 356 38.59 -27.58 51.33
C THR A 356 39.71 -26.60 51.67
N HIS A 364 46.82 -21.95 61.47
CA HIS A 364 45.57 -21.21 61.43
C HIS A 364 45.05 -21.11 60.00
N VAL A 365 43.82 -21.56 59.78
CA VAL A 365 43.19 -21.50 58.46
C VAL A 365 42.99 -20.04 58.09
N ALA A 366 41.95 -19.42 58.65
CA ALA A 366 41.63 -18.00 58.47
C ALA A 366 41.54 -17.73 56.97
N ASP A 367 42.25 -16.74 56.42
CA ASP A 367 42.27 -16.42 54.99
C ASP A 367 40.91 -15.99 54.46
N GLY A 368 40.88 -15.51 53.21
CA GLY A 368 39.63 -15.19 52.55
C GLY A 368 39.19 -16.29 51.62
N GLY A 369 39.61 -17.52 51.92
CA GLY A 369 39.26 -18.64 51.07
C GLY A 369 37.76 -18.87 51.01
N THR A 370 37.32 -19.46 49.91
CA THR A 370 35.90 -19.71 49.65
C THR A 370 35.67 -21.21 49.57
N THR A 371 34.79 -21.71 50.43
CA THR A 371 34.34 -23.10 50.38
C THR A 371 33.03 -23.15 49.61
N THR A 372 32.91 -24.09 48.68
CA THR A 372 31.73 -24.19 47.83
C THR A 372 30.99 -25.47 48.13
N LEU A 373 29.69 -25.35 48.38
CA LEU A 373 28.84 -26.49 48.68
C LEU A 373 28.01 -26.82 47.45
N ALA A 374 27.87 -28.12 47.17
CA ALA A 374 27.15 -28.59 46.00
C ALA A 374 25.96 -29.43 46.44
N CYS A 375 24.84 -29.24 45.75
CA CYS A 375 23.60 -29.98 45.99
C CYS A 375 23.16 -30.57 44.65
N PHE A 376 23.26 -31.88 44.53
CA PHE A 376 22.87 -32.59 43.32
C PHE A 376 21.43 -33.07 43.46
N VAL A 377 20.56 -32.60 42.57
CA VAL A 377 19.13 -32.94 42.60
C VAL A 377 18.85 -33.79 41.37
N SER A 378 18.53 -35.07 41.58
CA SER A 378 18.44 -36.01 40.47
C SER A 378 17.16 -36.83 40.54
N ALA A 379 16.83 -37.45 39.41
CA ALA A 379 15.79 -38.48 39.33
C ALA A 379 14.41 -37.92 39.72
N PHE A 380 14.00 -36.88 39.00
CA PHE A 380 12.68 -36.29 39.21
C PHE A 380 12.01 -36.02 37.86
N TYR A 381 10.69 -35.96 37.88
CA TYR A 381 9.88 -35.68 36.71
C TYR A 381 8.63 -34.94 37.18
N PRO A 382 8.26 -33.83 36.51
CA PRO A 382 8.91 -33.22 35.34
C PRO A 382 10.16 -32.43 35.70
N GLY A 383 10.68 -31.65 34.77
CA GLY A 383 11.96 -30.99 34.97
C GLY A 383 11.92 -29.68 35.72
N ASP A 384 10.74 -29.12 35.94
CA ASP A 384 10.62 -27.87 36.69
C ASP A 384 11.01 -28.11 38.15
N ILE A 385 12.05 -27.41 38.60
CA ILE A 385 12.61 -27.60 39.94
C ILE A 385 12.95 -26.24 40.53
N TYR A 386 12.94 -26.17 41.85
CA TYR A 386 13.33 -24.95 42.57
C TYR A 386 14.36 -25.30 43.62
N VAL A 387 15.57 -24.77 43.49
CA VAL A 387 16.64 -25.00 44.45
C VAL A 387 16.97 -23.69 45.16
N SER A 388 17.10 -23.75 46.48
CA SER A 388 17.44 -22.60 47.29
C SER A 388 18.42 -23.02 48.36
N TRP A 389 19.14 -22.04 48.91
CA TRP A 389 20.12 -22.26 49.95
C TRP A 389 19.79 -21.38 51.15
N ARG A 390 20.09 -21.90 52.35
CA ARG A 390 19.83 -21.16 53.58
C ARG A 390 20.97 -21.38 54.56
N GLU A 391 21.43 -20.29 55.17
CA GLU A 391 22.40 -20.35 56.25
C GLU A 391 21.62 -20.27 57.56
N GLN A 392 21.46 -21.42 58.21
CA GLN A 392 20.60 -21.60 59.39
C GLN A 392 19.15 -21.38 59.01
N ASP A 393 18.60 -20.23 59.36
CA ASP A 393 17.22 -19.85 59.02
C ASP A 393 17.21 -18.50 58.32
N THR A 394 18.09 -18.34 57.34
CA THR A 394 18.18 -17.12 56.56
C THR A 394 18.44 -17.49 55.11
N GLU A 395 17.57 -17.00 54.21
CA GLU A 395 17.72 -17.33 52.80
C GLU A 395 18.93 -16.62 52.20
N LEU A 396 19.67 -17.34 51.36
CA LEU A 396 20.86 -16.82 50.72
C LEU A 396 20.59 -16.42 49.28
N SER A 397 21.23 -15.34 48.84
CA SER A 397 21.08 -14.87 47.47
C SER A 397 22.44 -14.71 46.80
N HIS A 398 23.46 -14.36 47.59
CA HIS A 398 24.81 -14.23 47.07
C HIS A 398 25.53 -15.57 47.06
N GLY A 399 26.29 -15.82 46.00
CA GLY A 399 27.06 -17.04 45.87
C GLY A 399 26.29 -18.24 45.38
N VAL A 400 24.98 -18.12 45.16
CA VAL A 400 24.15 -19.22 44.70
C VAL A 400 24.22 -19.30 43.18
N THR A 401 24.39 -20.50 42.66
CA THR A 401 24.43 -20.74 41.21
C THR A 401 23.71 -22.06 40.95
N THR A 402 22.48 -21.97 40.43
CA THR A 402 21.69 -23.14 40.11
C THR A 402 21.75 -23.38 38.60
N PHE A 403 22.31 -24.51 38.21
CA PHE A 403 22.51 -24.83 36.80
C PHE A 403 21.21 -25.29 36.16
N PRO A 404 21.09 -25.13 34.84
CA PRO A 404 19.86 -25.56 34.15
C PRO A 404 19.67 -27.07 34.25
N VAL A 405 18.40 -27.49 34.21
CA VAL A 405 18.06 -28.90 34.36
C VAL A 405 18.38 -29.64 33.07
N ARG A 406 19.02 -30.80 33.20
CA ARG A 406 19.39 -31.62 32.06
C ARG A 406 18.69 -32.97 32.11
N PRO A 407 18.38 -33.56 30.96
CA PRO A 407 17.64 -34.83 30.96
C PRO A 407 18.56 -36.03 31.13
N ASP A 408 17.98 -37.12 31.64
CA ASP A 408 18.61 -38.40 31.88
C ASP A 408 18.23 -39.41 30.80
N PRO A 409 19.09 -40.38 30.52
CA PRO A 409 18.65 -41.54 29.73
C PRO A 409 17.59 -42.37 30.45
N ASP A 410 17.52 -42.26 31.77
CA ASP A 410 16.49 -42.96 32.56
C ASP A 410 15.11 -42.37 32.37
N GLY A 411 14.99 -41.21 31.71
CA GLY A 411 13.72 -40.54 31.53
C GLY A 411 13.45 -39.43 32.53
N THR A 412 14.27 -39.30 33.57
CA THR A 412 14.09 -38.28 34.58
C THR A 412 14.96 -37.06 34.25
N PHE A 413 15.20 -36.21 35.25
CA PHE A 413 16.01 -35.01 35.08
C PHE A 413 16.96 -34.87 36.26
N HIS A 414 18.01 -34.07 36.07
CA HIS A 414 19.00 -33.88 37.11
C HIS A 414 19.70 -32.53 36.91
N THR A 415 20.19 -31.99 38.03
CA THR A 415 20.89 -30.71 38.01
C THR A 415 21.77 -30.60 39.24
N VAL A 416 22.60 -29.54 39.27
CA VAL A 416 23.53 -29.26 40.35
C VAL A 416 23.34 -27.81 40.76
N SER A 417 23.46 -27.53 42.06
CA SER A 417 23.41 -26.17 42.57
C SER A 417 24.60 -25.93 43.49
N GLN A 418 25.34 -24.84 43.25
CA GLN A 418 26.51 -24.50 44.04
C GLN A 418 26.24 -23.27 44.90
N LEU A 419 26.99 -23.17 45.99
CA LEU A 419 26.93 -22.05 46.91
C LEU A 419 28.34 -21.74 47.39
N SER A 420 28.84 -20.56 47.07
CA SER A 420 30.17 -20.13 47.49
C SER A 420 30.05 -19.33 48.77
N VAL A 421 30.60 -19.85 49.87
CA VAL A 421 30.53 -19.17 51.16
C VAL A 421 31.95 -18.97 51.67
N PRO A 422 32.27 -17.81 52.26
CA PRO A 422 33.59 -17.64 52.87
C PRO A 422 33.84 -18.71 53.93
N SER A 423 35.11 -19.12 54.04
CA SER A 423 35.49 -20.16 54.98
C SER A 423 35.18 -19.77 56.42
N ARG A 424 34.96 -18.48 56.69
CA ARG A 424 34.65 -18.04 58.05
C ARG A 424 33.35 -18.66 58.55
N ALA A 425 32.36 -18.80 57.67
CA ALA A 425 31.08 -19.35 58.08
C ALA A 425 31.07 -20.87 58.10
N TRP A 426 31.89 -21.52 57.26
CA TRP A 426 31.92 -22.99 57.25
C TRP A 426 32.71 -23.55 58.43
N HIS A 427 33.87 -22.96 58.74
CA HIS A 427 34.70 -23.43 59.84
C HIS A 427 34.15 -23.02 61.20
N SER A 428 33.21 -22.08 61.27
CA SER A 428 32.58 -21.74 62.53
C SER A 428 31.65 -22.86 62.98
N GLY A 429 30.84 -23.37 62.06
CA GLY A 429 29.98 -24.50 62.35
C GLY A 429 28.52 -24.27 62.02
N HIS A 430 28.24 -23.38 61.07
CA HIS A 430 26.86 -23.08 60.74
C HIS A 430 26.23 -24.22 59.95
N ASN A 431 24.90 -24.31 60.04
CA ASN A 431 24.13 -25.27 59.26
C ASN A 431 23.82 -24.67 57.90
N PHE A 432 24.11 -25.42 56.83
CA PHE A 432 23.87 -24.98 55.47
C PHE A 432 22.84 -25.91 54.83
N THR A 433 21.63 -25.40 54.62
CA THR A 433 20.51 -26.20 54.13
C THR A 433 20.29 -25.95 52.64
N CYS A 434 20.12 -27.04 51.89
CA CYS A 434 19.72 -27.01 50.49
C CYS A 434 18.26 -27.42 50.45
N LEU A 435 17.39 -26.47 50.10
CA LEU A 435 15.96 -26.71 49.97
C LEU A 435 15.61 -26.92 48.51
N VAL A 436 14.73 -27.88 48.25
CA VAL A 436 14.30 -28.20 46.90
C VAL A 436 12.78 -28.32 46.90
N GLY A 437 12.13 -27.48 46.11
CA GLY A 437 10.70 -27.54 45.90
C GLY A 437 10.41 -28.09 44.50
N HIS A 438 9.50 -29.06 44.46
CA HIS A 438 9.15 -29.76 43.24
C HIS A 438 7.64 -29.97 43.21
N GLN A 439 7.13 -30.30 42.03
CA GLN A 439 5.69 -30.49 41.88
C GLN A 439 5.20 -31.74 42.60
N SER A 440 6.02 -32.79 42.66
CA SER A 440 5.64 -34.04 43.31
C SER A 440 5.77 -34.00 44.82
N LEU A 441 5.97 -32.82 45.41
CA LEU A 441 6.14 -32.68 46.86
C LEU A 441 5.08 -31.73 47.41
N ASN A 442 4.49 -32.11 48.54
CA ASN A 442 3.54 -31.26 49.23
C ASN A 442 4.22 -30.18 50.06
N GLY A 443 5.54 -30.24 50.21
CA GLY A 443 6.28 -29.19 50.88
C GLY A 443 7.64 -28.96 50.22
N LEU A 444 8.65 -28.71 51.03
CA LEU A 444 10.02 -28.49 50.55
C LEU A 444 10.93 -29.55 51.14
N LYS A 445 11.69 -30.23 50.28
CA LYS A 445 12.62 -31.27 50.73
C LYS A 445 13.95 -30.62 51.08
N GLU A 446 14.40 -30.82 52.31
CA GLU A 446 15.60 -30.18 52.82
C GLU A 446 16.75 -31.20 52.89
N ALA A 447 17.97 -30.67 52.80
CA ALA A 447 19.17 -31.45 53.04
C ALA A 447 20.15 -30.56 53.77
N GLN A 448 20.54 -30.95 54.97
CA GLN A 448 21.40 -30.11 55.79
C GLN A 448 22.84 -30.56 55.67
N LEU A 449 23.76 -29.62 55.83
CA LEU A 449 25.18 -29.94 55.81
C LEU A 449 25.89 -28.97 56.76
N ARG A 450 26.47 -29.52 57.82
CA ARG A 450 27.30 -28.79 58.76
C ARG A 450 28.71 -29.35 58.69
N LYS A 451 29.65 -28.63 59.33
CA LYS A 451 31.03 -29.10 59.34
C LYS A 451 31.17 -30.29 60.28
N ASP A 452 31.22 -30.01 61.59
CA ASP A 452 31.48 -31.05 62.57
C ASP A 452 30.40 -31.07 63.66
N GLY B 5 -41.41 39.62 -54.88
CA GLY B 5 -40.64 38.68 -54.09
C GLY B 5 -41.26 38.36 -52.75
N GLY B 6 -40.41 38.20 -51.73
CA GLY B 6 -40.88 37.92 -50.39
C GLY B 6 -40.58 36.50 -49.93
N VAL B 7 -39.52 36.34 -49.13
CA VAL B 7 -39.11 35.02 -48.68
C VAL B 7 -38.52 35.11 -47.28
N ASN B 8 -38.85 34.11 -46.47
CA ASN B 8 -38.36 33.98 -45.09
C ASN B 8 -37.46 32.75 -45.04
N PHE B 9 -36.16 32.96 -45.20
CA PHE B 9 -35.19 31.89 -45.08
C PHE B 9 -34.86 31.63 -43.61
N ARG B 10 -34.64 30.37 -43.27
CA ARG B 10 -34.06 30.00 -41.98
C ARG B 10 -32.97 28.99 -42.24
N PHE B 11 -31.75 29.31 -41.83
CA PHE B 11 -30.65 28.36 -41.93
C PHE B 11 -30.84 27.26 -40.89
N SER B 12 -31.59 26.22 -41.27
CA SER B 12 -32.00 25.20 -40.32
C SER B 12 -30.85 24.29 -39.89
N SER B 13 -29.70 24.37 -40.54
CA SER B 13 -28.52 23.63 -40.10
C SER B 13 -27.69 24.40 -39.09
N THR B 14 -28.25 25.47 -38.51
CA THR B 14 -27.59 26.24 -37.47
C THR B 14 -28.54 26.42 -36.29
N THR B 15 -27.97 26.66 -35.13
CA THR B 15 -28.76 26.95 -33.94
C THR B 15 -27.89 27.70 -32.94
N MET B 16 -28.55 28.34 -31.98
CA MET B 16 -27.88 29.04 -30.89
C MET B 16 -28.34 28.45 -29.57
N THR B 17 -27.37 28.07 -28.74
CA THR B 17 -27.64 27.48 -27.44
C THR B 17 -27.27 28.45 -26.33
N VAL B 18 -28.12 28.56 -25.32
CA VAL B 18 -27.88 29.41 -24.17
C VAL B 18 -28.35 28.69 -22.92
N THR B 19 -27.66 28.94 -21.81
CA THR B 19 -28.07 28.39 -20.53
C THR B 19 -29.13 29.28 -19.90
N GLU B 20 -30.12 28.64 -19.26
CA GLU B 20 -31.22 29.38 -18.64
C GLU B 20 -30.70 30.38 -17.62
N GLY B 21 -31.10 31.65 -17.78
CA GLY B 21 -30.66 32.74 -16.95
C GLY B 21 -29.59 33.61 -17.57
N GLU B 22 -28.80 33.06 -18.49
CA GLU B 22 -27.73 33.81 -19.13
C GLU B 22 -28.27 34.63 -20.30
N PRO B 23 -27.56 35.69 -20.69
CA PRO B 23 -28.04 36.53 -21.79
C PRO B 23 -27.78 35.93 -23.16
N VAL B 24 -28.66 36.26 -24.10
CA VAL B 24 -28.53 35.85 -25.49
C VAL B 24 -28.25 37.09 -26.33
N SER B 25 -27.31 36.98 -27.26
CA SER B 25 -26.94 38.09 -28.14
C SER B 25 -27.02 37.62 -29.59
N MET B 26 -28.14 37.89 -30.25
CA MET B 26 -28.30 37.58 -31.67
C MET B 26 -27.83 38.77 -32.50
N GLU B 27 -27.29 38.48 -33.69
CA GLU B 27 -26.67 39.52 -34.50
C GLU B 27 -26.80 39.15 -35.97
N CYS B 28 -27.16 40.14 -36.79
CA CYS B 28 -27.25 39.95 -38.23
C CYS B 28 -26.42 41.01 -38.95
N ARG B 29 -25.78 40.58 -40.04
CA ARG B 29 -25.05 41.45 -40.94
C ARG B 29 -25.79 41.55 -42.26
N TYR B 30 -25.85 42.75 -42.83
CA TYR B 30 -26.49 42.97 -44.11
C TYR B 30 -25.51 43.59 -45.10
N SER B 31 -25.88 43.51 -46.38
CA SER B 31 -25.04 43.99 -47.47
C SER B 31 -25.62 45.23 -48.15
N ARG B 32 -26.72 45.77 -47.61
CA ARG B 32 -27.31 46.97 -48.18
C ARG B 32 -26.37 48.17 -47.99
N LYS B 33 -26.26 48.99 -49.02
CA LYS B 33 -25.39 50.16 -48.95
C LYS B 33 -26.16 51.44 -48.64
N THR B 34 -27.49 51.41 -48.66
CA THR B 34 -28.33 52.55 -48.35
C THR B 34 -29.26 52.20 -47.20
N ASP B 35 -29.35 53.10 -46.22
CA ASP B 35 -30.23 52.90 -45.06
C ASP B 35 -31.64 53.40 -45.39
N ASP B 36 -32.23 52.80 -46.41
CA ASP B 36 -33.48 53.27 -47.00
C ASP B 36 -34.64 52.30 -46.80
N ARG B 37 -34.48 51.25 -46.01
CA ARG B 37 -35.54 50.27 -45.83
C ARG B 37 -35.66 49.91 -44.35
N TYR B 38 -36.86 49.52 -43.96
CA TYR B 38 -37.14 49.09 -42.60
C TYR B 38 -36.44 47.78 -42.29
N LEU B 39 -35.59 47.79 -41.25
CA LEU B 39 -34.99 46.59 -40.68
C LEU B 39 -35.71 46.26 -39.38
N LEU B 40 -36.12 44.99 -39.22
CA LEU B 40 -36.93 44.62 -38.08
C LEU B 40 -36.43 43.30 -37.49
N TRP B 41 -36.71 43.12 -36.22
CA TRP B 41 -36.46 41.87 -35.50
C TRP B 41 -37.79 41.22 -35.18
N GLY B 42 -37.96 39.94 -35.58
CA GLY B 42 -39.19 39.22 -35.32
C GLY B 42 -38.90 37.82 -34.81
N TYR B 43 -39.95 37.18 -34.30
CA TYR B 43 -39.83 35.83 -33.77
C TYR B 43 -41.15 35.08 -33.98
N VAL B 44 -41.04 33.77 -34.13
CA VAL B 44 -42.20 32.90 -34.29
C VAL B 44 -42.61 32.39 -32.91
N PRO B 45 -43.79 32.75 -32.40
CA PRO B 45 -44.22 32.24 -31.10
C PRO B 45 -44.37 30.72 -31.13
N ARG B 46 -44.25 30.12 -29.95
CA ARG B 46 -44.33 28.67 -29.84
C ARG B 46 -45.75 28.20 -30.13
N GLY B 47 -45.90 27.38 -31.18
CA GLY B 47 -47.18 26.83 -31.55
C GLY B 47 -47.82 27.42 -32.79
N THR B 48 -47.10 28.23 -33.57
CA THR B 48 -47.64 28.81 -34.78
C THR B 48 -46.57 28.75 -35.86
N SER B 49 -46.85 29.41 -37.00
CA SER B 49 -45.92 29.44 -38.11
C SER B 49 -45.80 30.82 -38.74
N ALA B 50 -46.35 31.86 -38.12
CA ALA B 50 -46.24 33.22 -38.61
C ALA B 50 -45.20 33.98 -37.81
N ILE B 51 -44.50 34.90 -38.48
CA ILE B 51 -43.43 35.68 -37.86
C ILE B 51 -44.08 36.87 -37.15
N LYS B 52 -44.16 36.79 -35.81
CA LYS B 52 -44.65 37.91 -35.02
C LYS B 52 -43.57 38.97 -34.92
N GLN B 53 -43.95 40.21 -35.15
CA GLN B 53 -42.99 41.31 -35.12
C GLN B 53 -42.63 41.66 -33.67
N LEU B 54 -41.34 41.90 -33.44
CA LEU B 54 -40.83 42.24 -32.12
C LEU B 54 -40.35 43.68 -32.00
N LEU B 55 -39.64 44.18 -33.01
CA LEU B 55 -39.20 45.57 -33.01
C LEU B 55 -38.79 45.96 -34.42
N TYR B 56 -38.64 47.27 -34.64
CA TYR B 56 -38.21 47.75 -35.95
C TYR B 56 -37.47 49.07 -35.81
N TRP B 57 -36.69 49.39 -36.83
CA TRP B 57 -36.00 50.67 -36.97
C TRP B 57 -36.52 51.40 -38.20
N ASN B 58 -36.76 52.71 -38.05
CA ASN B 58 -37.13 53.50 -39.20
C ASN B 58 -35.93 53.66 -40.12
N PRO B 59 -36.15 53.77 -41.43
CA PRO B 59 -35.04 53.90 -42.39
C PRO B 59 -34.19 55.13 -42.11
N GLY B 60 -32.90 54.89 -41.82
CA GLY B 60 -31.97 55.95 -41.54
C GLY B 60 -31.71 56.21 -40.07
N SER B 61 -32.53 55.65 -39.18
CA SER B 61 -32.41 55.89 -37.75
C SER B 61 -31.81 54.67 -37.07
N ASP B 62 -30.87 54.91 -36.16
CA ASP B 62 -30.30 53.85 -35.34
C ASP B 62 -30.99 53.73 -33.99
N THR B 63 -32.10 54.44 -33.80
CA THR B 63 -32.83 54.40 -32.55
C THR B 63 -33.92 53.34 -32.64
N PRO B 64 -33.94 52.34 -31.75
CA PRO B 64 -34.94 51.28 -31.87
C PRO B 64 -36.34 51.79 -31.54
N THR B 65 -37.31 51.30 -32.29
CA THR B 65 -38.73 51.61 -32.12
C THR B 65 -39.44 50.29 -31.85
N TYR B 66 -39.45 49.89 -30.58
CA TYR B 66 -39.99 48.59 -30.21
C TYR B 66 -41.50 48.56 -30.43
N ILE B 67 -41.98 47.42 -30.96
CA ILE B 67 -43.40 47.25 -31.28
C ILE B 67 -44.30 47.49 -30.08
N SER B 68 -43.79 47.35 -28.86
CA SER B 68 -44.59 47.47 -27.65
C SER B 68 -44.17 48.68 -26.81
N GLY B 69 -43.42 49.60 -27.40
CA GLY B 69 -43.07 50.83 -26.72
C GLY B 69 -42.00 50.70 -25.65
N LYS B 70 -41.96 49.57 -24.97
CA LYS B 70 -40.98 49.35 -23.90
C LYS B 70 -40.14 48.11 -24.18
N PRO B 71 -38.84 48.24 -24.35
CA PRO B 71 -38.01 47.04 -24.49
C PRO B 71 -37.79 46.39 -23.14
N GLY B 72 -38.61 45.43 -22.71
CA GLY B 72 -38.42 44.98 -21.35
C GLY B 72 -37.27 43.99 -21.19
N ARG B 73 -37.46 42.76 -21.64
CA ARG B 73 -36.39 41.77 -21.65
C ARG B 73 -35.47 41.91 -22.84
N TYR B 74 -35.89 42.61 -23.89
CA TYR B 74 -35.12 42.74 -25.11
C TYR B 74 -34.44 44.11 -25.17
N ARG B 75 -33.28 44.13 -25.81
CA ARG B 75 -32.50 45.36 -26.01
C ARG B 75 -31.86 45.27 -27.38
N ALA B 76 -32.29 46.13 -28.30
CA ALA B 76 -31.83 46.10 -29.67
C ALA B 76 -30.81 47.21 -29.93
N GLU B 77 -30.11 47.08 -31.06
CA GLU B 77 -29.04 48.03 -31.40
C GLU B 77 -28.71 47.88 -32.88
N LYS B 78 -28.99 48.91 -33.67
CA LYS B 78 -28.59 48.93 -35.07
C LYS B 78 -27.46 49.94 -35.26
N ASN B 79 -26.43 49.53 -36.00
CA ASN B 79 -25.33 50.43 -36.38
C ASN B 79 -25.11 50.22 -37.88
N PHE B 80 -25.56 51.20 -38.67
CA PHE B 80 -25.47 51.07 -40.12
C PHE B 80 -24.07 51.29 -40.65
N ARG B 81 -23.20 51.96 -39.89
CA ARG B 81 -21.80 52.08 -40.31
C ARG B 81 -21.16 50.71 -40.48
N GLN B 82 -21.14 49.92 -39.41
CA GLN B 82 -20.61 48.56 -39.45
C GLN B 82 -21.59 47.57 -40.07
N LYS B 83 -22.81 48.01 -40.40
CA LYS B 83 -23.83 47.15 -41.01
C LYS B 83 -24.20 46.00 -40.07
N VAL B 84 -24.48 46.33 -38.82
CA VAL B 84 -24.78 45.33 -37.80
C VAL B 84 -26.14 45.63 -37.18
N MET B 85 -26.88 44.56 -36.85
CA MET B 85 -28.08 44.68 -36.04
C MET B 85 -28.09 43.60 -34.97
N LYS B 86 -28.06 44.02 -33.70
CA LYS B 86 -28.01 43.11 -32.56
C LYS B 86 -29.30 43.19 -31.76
N LEU B 87 -29.67 42.05 -31.16
CA LEU B 87 -30.80 41.94 -30.25
C LEU B 87 -30.39 41.07 -29.07
N GLN B 88 -30.53 41.60 -27.86
CA GLN B 88 -30.10 40.89 -26.65
C GLN B 88 -31.30 40.59 -25.76
N ILE B 89 -31.37 39.35 -25.30
CA ILE B 89 -32.32 38.92 -24.27
C ILE B 89 -31.57 38.81 -22.95
N ALA B 90 -32.10 39.41 -21.89
CA ALA B 90 -31.36 39.56 -20.64
C ALA B 90 -31.18 38.21 -19.94
N LYS B 91 -32.26 37.57 -19.54
CA LYS B 91 -32.22 36.25 -18.90
C LYS B 91 -33.08 35.30 -19.71
N ALA B 92 -32.43 34.43 -20.47
CA ALA B 92 -33.13 33.49 -21.34
C ALA B 92 -34.08 32.61 -20.52
N THR B 93 -35.32 32.53 -20.98
CA THR B 93 -36.31 31.61 -20.42
C THR B 93 -36.57 30.49 -21.43
N GLN B 94 -37.37 29.51 -21.01
CA GLN B 94 -37.66 28.39 -21.89
C GLN B 94 -38.57 28.82 -23.04
N GLN B 95 -39.49 29.74 -22.80
CA GLN B 95 -40.34 30.22 -23.89
C GLN B 95 -39.55 31.05 -24.91
N ASP B 96 -38.35 31.49 -24.58
CA ASP B 96 -37.52 32.18 -25.56
C ASP B 96 -36.99 31.23 -26.63
N SER B 97 -37.09 29.92 -26.41
CA SER B 97 -36.71 28.94 -27.42
C SER B 97 -37.67 29.00 -28.59
N SER B 98 -37.31 29.78 -29.62
CA SER B 98 -38.16 29.96 -30.78
C SER B 98 -37.27 30.21 -31.99
N ARG B 99 -37.92 30.41 -33.14
CA ARG B 99 -37.22 30.86 -34.34
C ARG B 99 -37.18 32.38 -34.35
N TYR B 100 -36.00 32.93 -34.61
CA TYR B 100 -35.80 34.37 -34.65
C TYR B 100 -35.32 34.79 -36.03
N PHE B 101 -35.86 35.89 -36.53
CA PHE B 101 -35.58 36.36 -37.88
C PHE B 101 -35.18 37.83 -37.83
N CYS B 102 -34.12 38.16 -38.56
CA CYS B 102 -33.84 39.55 -38.94
C CYS B 102 -34.46 39.77 -40.32
N GLN B 103 -35.39 40.72 -40.39
CA GLN B 103 -36.24 40.94 -41.55
C GLN B 103 -35.95 42.31 -42.15
N LEU B 104 -36.15 42.41 -43.47
CA LEU B 104 -36.03 43.67 -44.19
C LEU B 104 -37.22 43.84 -45.11
N THR B 105 -37.81 45.04 -45.10
CA THR B 105 -38.92 45.35 -45.99
C THR B 105 -38.95 46.86 -46.24
N ASP B 106 -39.64 47.25 -47.31
CA ASP B 106 -39.74 48.67 -47.68
C ASP B 106 -41.04 49.31 -47.22
N ASN B 107 -41.98 48.53 -46.72
CA ASN B 107 -43.25 49.05 -46.24
C ASN B 107 -43.80 48.06 -45.21
N LEU B 108 -44.41 48.59 -44.16
CA LEU B 108 -44.88 47.79 -43.04
C LEU B 108 -46.37 47.52 -43.14
N SER B 109 -46.81 46.50 -42.40
CA SER B 109 -48.22 46.10 -42.31
C SER B 109 -48.72 45.75 -43.71
N ASN B 110 -49.98 46.05 -43.98
CA ASN B 110 -50.61 45.80 -45.28
C ASN B 110 -50.51 44.34 -45.70
N GLY B 111 -50.47 43.44 -44.72
CA GLY B 111 -50.43 42.00 -44.99
C GLY B 111 -49.24 41.56 -45.81
N ASN B 112 -49.45 41.35 -47.11
CA ASN B 112 -48.41 40.83 -47.99
C ASN B 112 -47.63 42.00 -48.60
N THR B 113 -46.64 42.46 -47.85
CA THR B 113 -45.66 43.41 -48.37
C THR B 113 -44.65 42.63 -49.18
N THR B 114 -44.82 42.62 -50.51
CA THR B 114 -44.06 41.73 -51.38
C THR B 114 -42.58 42.10 -51.48
N ASP B 115 -42.00 42.59 -50.39
CA ASP B 115 -40.58 42.83 -50.27
C ASP B 115 -40.08 42.41 -48.90
N PHE B 116 -40.56 41.26 -48.42
CA PHE B 116 -40.17 40.73 -47.11
C PHE B 116 -39.02 39.76 -47.34
N CYS B 117 -37.82 40.14 -46.92
CA CYS B 117 -36.66 39.25 -47.00
C CYS B 117 -36.15 39.06 -45.58
N SER B 118 -36.23 37.83 -45.08
CA SER B 118 -35.80 37.59 -43.71
C SER B 118 -34.85 36.41 -43.63
N CYS B 119 -33.91 36.51 -42.69
CA CYS B 119 -32.93 35.47 -42.43
C CYS B 119 -33.03 35.09 -40.95
N GLY B 120 -33.22 33.80 -40.66
CA GLY B 120 -33.53 33.38 -39.32
C GLY B 120 -32.68 32.19 -38.86
N THR B 121 -32.78 31.94 -37.56
CA THR B 121 -32.15 30.79 -36.92
C THR B 121 -33.04 30.34 -35.76
N THR B 122 -32.62 29.29 -35.07
CA THR B 122 -33.30 28.80 -33.89
C THR B 122 -32.51 29.15 -32.64
N LEU B 123 -33.18 29.09 -31.50
CA LEU B 123 -32.57 29.36 -30.20
C LEU B 123 -32.95 28.24 -29.25
N LYS B 124 -31.94 27.55 -28.71
CA LYS B 124 -32.17 26.50 -27.72
C LYS B 124 -31.76 27.00 -26.35
N VAL B 125 -32.56 26.65 -25.34
CA VAL B 125 -32.35 27.11 -23.97
C VAL B 125 -32.12 25.88 -23.10
N GLN B 126 -30.90 25.71 -22.63
CA GLN B 126 -30.55 24.59 -21.77
C GLN B 126 -30.64 25.00 -20.30
N ALA B 127 -30.89 24.01 -19.44
CA ALA B 127 -30.98 24.24 -18.01
C ALA B 127 -29.60 24.19 -17.37
N VAL B 128 -29.49 24.82 -16.20
CA VAL B 128 -28.24 24.74 -15.43
C VAL B 128 -28.08 23.33 -14.88
N PRO B 129 -26.93 22.70 -15.05
CA PRO B 129 -26.75 21.32 -14.56
C PRO B 129 -26.85 21.26 -13.05
N PRO B 130 -27.44 20.19 -12.51
CA PRO B 130 -27.52 20.05 -11.04
C PRO B 130 -26.14 19.84 -10.44
N SER B 131 -25.80 20.69 -9.46
CA SER B 131 -24.51 20.59 -8.81
C SER B 131 -24.38 19.29 -8.03
N SER B 132 -23.31 18.56 -8.28
CA SER B 132 -23.03 17.30 -7.60
C SER B 132 -21.68 17.39 -6.90
N ALA B 133 -21.45 16.44 -5.97
CA ALA B 133 -20.22 16.44 -5.19
C ALA B 133 -19.19 15.48 -5.76
N PRO B 134 -17.92 15.85 -5.72
CA PRO B 134 -16.88 14.99 -6.30
C PRO B 134 -16.55 13.81 -5.40
N LEU B 135 -16.39 12.64 -6.04
CA LEU B 135 -15.84 11.47 -5.37
C LEU B 135 -14.32 11.53 -5.47
N VAL B 136 -13.66 11.49 -4.32
CA VAL B 136 -12.21 11.66 -4.21
C VAL B 136 -11.59 10.31 -3.87
N GLU B 137 -10.53 9.96 -4.59
CA GLU B 137 -9.80 8.71 -4.38
C GLU B 137 -8.30 8.97 -4.45
N LEU B 138 -7.58 8.56 -3.42
CA LEU B 138 -6.12 8.71 -3.36
C LEU B 138 -5.50 7.32 -3.55
N HIS B 139 -4.62 7.20 -4.54
CA HIS B 139 -4.01 5.93 -4.87
C HIS B 139 -2.49 6.09 -4.98
N SER B 140 -1.80 4.97 -4.78
CA SER B 140 -0.34 4.94 -4.75
C SER B 140 0.11 3.52 -5.03
N PRO B 141 1.40 3.31 -5.29
CA PRO B 141 1.93 1.93 -5.34
C PRO B 141 1.96 1.30 -3.96
N PHE B 142 2.44 0.06 -3.87
CA PHE B 142 2.56 -0.61 -2.57
C PHE B 142 3.26 0.28 -1.56
N ALA B 143 2.53 0.69 -0.52
CA ALA B 143 3.03 1.65 0.46
C ALA B 143 3.36 1.01 1.81
N GLY B 144 3.84 -0.24 1.79
CA GLY B 144 4.20 -0.93 3.01
C GLY B 144 5.65 -0.71 3.36
N GLN B 145 6.11 -1.45 4.37
CA GLN B 145 7.51 -1.34 4.76
C GLN B 145 8.41 -2.05 3.76
N LEU B 146 7.99 -3.21 3.26
CA LEU B 146 8.76 -3.95 2.25
C LEU B 146 8.59 -3.39 0.85
N ARG B 147 8.12 -2.15 0.71
CA ARG B 147 7.95 -1.55 -0.61
C ARG B 147 9.30 -1.45 -1.31
N GLU B 148 9.31 -1.81 -2.59
CA GLU B 148 10.55 -1.88 -3.35
C GLU B 148 11.08 -0.48 -3.65
N ASN B 149 12.37 -0.43 -3.95
CA ASN B 149 13.02 0.83 -4.28
C ASN B 149 12.58 1.31 -5.66
N GLY B 150 12.39 2.60 -5.80
CA GLY B 150 11.99 3.18 -7.06
C GLY B 150 11.16 4.43 -6.86
N THR B 151 11.01 5.18 -7.95
CA THR B 151 10.20 6.38 -7.91
C THR B 151 8.72 6.03 -7.88
N ALA B 152 7.92 6.93 -7.31
CA ALA B 152 6.50 6.69 -7.14
C ALA B 152 5.69 7.83 -7.75
N THR B 153 4.42 7.55 -7.99
CA THR B 153 3.48 8.56 -8.50
C THR B 153 2.16 8.40 -7.76
N LEU B 154 1.89 9.31 -6.83
CA LEU B 154 0.60 9.33 -6.13
C LEU B 154 -0.44 10.03 -6.99
N LEU B 155 -1.66 9.50 -6.95
CA LEU B 155 -2.75 9.98 -7.79
C LEU B 155 -3.94 10.38 -6.93
N CYS B 156 -4.53 11.53 -7.23
CA CYS B 156 -5.75 12.00 -6.59
C CYS B 156 -6.80 12.22 -7.67
N LEU B 157 -7.82 11.38 -7.69
CA LEU B 157 -8.90 11.43 -8.66
C LEU B 157 -10.15 12.04 -8.02
N ALA B 158 -10.78 12.97 -8.72
CA ALA B 158 -12.03 13.59 -8.26
C ALA B 158 -13.02 13.54 -9.42
N SER B 159 -14.07 12.73 -9.28
CA SER B 159 -14.96 12.46 -10.40
C SER B 159 -16.40 12.82 -10.05
N GLY B 160 -17.16 13.19 -11.09
CA GLY B 160 -18.61 13.31 -10.97
C GLY B 160 -19.09 14.52 -10.19
N PHE B 161 -18.58 15.70 -10.52
CA PHE B 161 -18.93 16.92 -9.81
C PHE B 161 -19.29 18.04 -10.80
N TYR B 162 -20.03 19.03 -10.29
CA TYR B 162 -20.40 20.20 -11.05
C TYR B 162 -20.60 21.33 -10.05
N PRO B 163 -20.13 22.55 -10.34
CA PRO B 163 -19.40 22.99 -11.54
C PRO B 163 -17.94 22.53 -11.56
N SER B 164 -17.10 23.19 -12.36
CA SER B 164 -15.71 22.79 -12.54
C SER B 164 -14.75 23.55 -11.64
N ASN B 165 -15.25 24.27 -10.63
CA ASN B 165 -14.40 25.03 -9.73
C ASN B 165 -13.99 24.16 -8.55
N VAL B 166 -13.12 23.20 -8.84
CA VAL B 166 -12.56 22.31 -7.84
C VAL B 166 -11.08 22.63 -7.69
N ARG B 167 -10.58 22.46 -6.46
CA ARG B 167 -9.16 22.70 -6.16
C ARG B 167 -8.58 21.44 -5.53
N ILE B 168 -7.51 20.93 -6.13
CA ILE B 168 -6.81 19.75 -5.63
C ILE B 168 -5.40 20.19 -5.20
N SER B 169 -5.07 19.96 -3.93
CA SER B 169 -3.78 20.35 -3.38
C SER B 169 -3.15 19.16 -2.67
N TRP B 170 -1.83 19.25 -2.50
CA TRP B 170 -1.04 18.18 -1.89
C TRP B 170 -0.30 18.69 -0.68
N GLN B 171 -0.17 17.84 0.35
CA GLN B 171 0.56 18.15 1.56
C GLN B 171 1.43 16.97 1.96
N MET B 172 2.62 17.26 2.48
CA MET B 172 3.52 16.27 3.05
C MET B 172 3.85 16.69 4.48
N ASP B 173 3.51 15.84 5.45
CA ASP B 173 3.82 16.07 6.86
C ASP B 173 3.34 17.45 7.31
N GLY B 174 2.18 17.87 6.80
CA GLY B 174 1.58 19.14 7.16
C GLY B 174 2.00 20.32 6.30
N ARG B 175 3.05 20.19 5.50
CA ARG B 175 3.53 21.28 4.67
C ARG B 175 2.94 21.15 3.27
N THR B 176 2.36 22.23 2.77
CA THR B 176 1.84 22.21 1.40
C THR B 176 2.98 22.02 0.41
N VAL B 177 2.79 21.12 -0.55
CA VAL B 177 3.78 20.81 -1.56
C VAL B 177 3.29 21.31 -2.91
N THR B 178 4.17 21.98 -3.64
CA THR B 178 3.83 22.54 -4.96
C THR B 178 4.65 21.97 -6.09
N ALA B 179 5.93 21.65 -5.86
CA ALA B 179 6.78 21.12 -6.91
C ALA B 179 6.37 19.69 -7.26
N ARG B 180 6.48 19.36 -8.55
CA ARG B 180 6.22 18.02 -9.09
C ARG B 180 4.75 17.63 -9.02
N VAL B 181 3.85 18.61 -8.98
CA VAL B 181 2.41 18.37 -8.99
C VAL B 181 1.88 18.70 -10.38
N SER B 182 1.38 17.69 -11.09
CA SER B 182 0.90 17.85 -12.46
C SER B 182 -0.56 17.43 -12.53
N GLN B 183 -1.41 18.32 -13.02
CA GLN B 183 -2.83 18.04 -13.19
C GLN B 183 -3.18 18.13 -14.66
N GLN B 184 -3.69 17.03 -15.22
CA GLN B 184 -4.11 17.01 -16.60
C GLN B 184 -5.30 17.95 -16.78
N PRO B 185 -5.59 18.38 -18.01
CA PRO B 185 -6.70 19.31 -18.23
C PRO B 185 -8.02 18.72 -17.74
N MET B 186 -8.89 19.61 -17.27
CA MET B 186 -10.20 19.19 -16.77
C MET B 186 -10.99 18.47 -17.86
N CYS B 187 -11.91 17.61 -17.45
CA CYS B 187 -12.59 16.70 -18.34
C CYS B 187 -14.08 16.73 -18.02
N GLN B 188 -14.90 16.30 -18.99
CA GLN B 188 -16.36 16.40 -18.87
C GLN B 188 -17.02 15.26 -19.64
N ASP B 189 -18.09 14.70 -19.05
CA ASP B 189 -18.83 13.62 -19.67
C ASP B 189 -20.13 14.17 -20.28
N GLU B 190 -21.00 13.26 -20.74
CA GLU B 190 -22.24 13.68 -21.40
C GLU B 190 -23.23 14.30 -20.44
N ARG B 191 -23.18 13.93 -19.16
CA ARG B 191 -24.05 14.51 -18.15
C ARG B 191 -23.51 15.84 -17.63
N GLU B 192 -22.47 16.37 -18.27
CA GLU B 192 -21.85 17.65 -17.92
C GLU B 192 -21.22 17.61 -16.53
N LYS B 193 -20.85 16.42 -16.07
CA LYS B 193 -20.12 16.26 -14.81
C LYS B 193 -18.62 16.18 -15.12
N TYR B 194 -17.83 16.82 -14.27
CA TYR B 194 -16.40 16.97 -14.50
C TYR B 194 -15.59 15.91 -13.76
N THR B 195 -14.35 15.73 -14.22
CA THR B 195 -13.41 14.79 -13.64
C THR B 195 -12.01 15.37 -13.72
N ALA B 196 -11.32 15.42 -12.58
CA ALA B 196 -9.98 15.96 -12.48
C ALA B 196 -9.04 14.93 -11.88
N VAL B 197 -7.80 14.91 -12.38
CA VAL B 197 -6.79 13.95 -11.94
C VAL B 197 -5.51 14.73 -11.65
N SER B 198 -5.05 14.66 -10.41
CA SER B 198 -3.78 15.27 -10.04
C SER B 198 -2.77 14.17 -9.72
N ARG B 199 -1.51 14.43 -10.05
CA ARG B 199 -0.45 13.46 -9.83
C ARG B 199 0.73 14.14 -9.16
N LEU B 200 1.34 13.43 -8.22
CA LEU B 200 2.51 13.89 -7.48
C LEU B 200 3.62 12.88 -7.68
N GLN B 201 4.68 13.29 -8.36
CA GLN B 201 5.82 12.42 -8.63
C GLN B 201 6.82 12.53 -7.49
N LEU B 202 7.29 11.39 -7.01
CA LEU B 202 8.18 11.33 -5.86
C LEU B 202 9.43 10.55 -6.22
N SER B 203 10.58 11.09 -5.84
CA SER B 203 11.85 10.43 -6.06
C SER B 203 11.98 9.20 -5.14
N SER B 204 12.89 8.32 -5.52
CA SER B 204 13.10 7.09 -4.74
C SER B 204 13.33 7.40 -3.28
N SER B 205 14.19 8.37 -2.98
CA SER B 205 14.54 8.69 -1.60
C SER B 205 13.30 9.06 -0.80
N THR B 206 12.57 10.09 -1.23
CA THR B 206 11.40 10.55 -0.48
C THR B 206 10.33 9.46 -0.38
N TRP B 207 10.18 8.64 -1.42
CA TRP B 207 9.17 7.59 -1.39
C TRP B 207 9.52 6.49 -0.39
N MET B 208 10.80 6.15 -0.27
CA MET B 208 11.24 5.10 0.63
C MET B 208 11.34 5.55 2.08
N GLU B 209 11.01 6.81 2.37
CA GLU B 209 11.01 7.35 3.72
C GLU B 209 9.62 7.29 4.34
N ALA B 210 9.58 7.38 5.67
CA ALA B 210 8.32 7.47 6.38
C ALA B 210 7.73 8.87 6.20
N HIS B 211 6.54 8.94 5.63
CA HIS B 211 5.92 10.24 5.36
C HIS B 211 4.41 10.14 5.49
N ARG B 212 3.78 11.30 5.57
CA ARG B 212 2.32 11.42 5.69
C ARG B 212 1.83 12.30 4.54
N TYR B 213 1.40 11.67 3.45
CA TYR B 213 0.90 12.40 2.29
C TYR B 213 -0.58 12.68 2.44
N GLN B 214 -1.02 13.79 1.86
CA GLN B 214 -2.41 14.21 1.94
C GLN B 214 -2.83 14.88 0.65
N CYS B 215 -4.04 14.54 0.19
CA CYS B 215 -4.69 15.22 -0.93
C CYS B 215 -5.93 15.92 -0.40
N THR B 216 -6.00 17.23 -0.63
CA THR B 216 -7.14 18.05 -0.19
C THR B 216 -7.91 18.51 -1.42
N VAL B 217 -9.20 18.21 -1.44
CA VAL B 217 -10.09 18.56 -2.55
C VAL B 217 -11.16 19.49 -2.00
N THR B 218 -11.24 20.70 -2.58
CA THR B 218 -12.24 21.69 -2.21
C THR B 218 -13.17 21.95 -3.38
N HIS B 219 -14.47 22.00 -3.10
CA HIS B 219 -15.50 22.17 -4.10
C HIS B 219 -16.67 22.88 -3.43
N PRO B 220 -17.38 23.76 -4.15
CA PRO B 220 -18.49 24.50 -3.50
C PRO B 220 -19.60 23.61 -3.00
N THR B 221 -19.83 22.44 -3.61
CA THR B 221 -20.84 21.51 -3.12
C THR B 221 -20.44 20.84 -1.81
N LEU B 222 -19.25 21.12 -1.29
CA LEU B 222 -18.77 20.54 -0.04
C LEU B 222 -18.63 21.64 1.00
N SER B 223 -19.30 21.46 2.14
CA SER B 223 -19.14 22.40 3.24
C SER B 223 -17.77 22.29 3.89
N ARG B 224 -17.20 21.10 3.93
CA ARG B 224 -15.88 20.84 4.46
C ARG B 224 -15.00 20.18 3.40
N PRO B 225 -13.74 20.56 3.29
CA PRO B 225 -12.87 19.95 2.27
C PRO B 225 -12.69 18.47 2.50
N ILE B 226 -12.57 17.72 1.41
CA ILE B 226 -12.30 16.28 1.48
C ILE B 226 -10.79 16.08 1.57
N VAL B 227 -10.34 15.42 2.64
CA VAL B 227 -8.92 15.19 2.86
C VAL B 227 -8.68 13.69 2.88
N LYS B 228 -7.87 13.21 1.94
CA LYS B 228 -7.42 11.82 1.93
C LYS B 228 -5.97 11.76 2.38
N GLU B 229 -5.64 10.73 3.16
CA GLU B 229 -4.33 10.63 3.79
C GLU B 229 -3.71 9.27 3.52
N LEU B 230 -2.39 9.25 3.34
CA LEU B 230 -1.62 8.03 3.17
C LEU B 230 -0.39 8.10 4.06
N ARG B 231 -0.31 7.23 5.05
CA ARG B 231 0.77 7.21 6.03
C ARG B 231 1.67 6.02 5.73
N THR B 232 2.88 6.29 5.24
CA THR B 232 3.85 5.27 4.89
C THR B 232 4.97 5.26 5.93
N LEU B 233 5.30 4.07 6.42
CA LEU B 233 6.45 3.94 7.30
C LEU B 233 7.73 3.90 6.47
N ALA B 234 8.87 4.03 7.16
CA ALA B 234 10.15 3.93 6.49
C ALA B 234 10.32 2.52 5.94
N SER B 235 10.94 2.41 4.77
CA SER B 235 11.10 1.12 4.12
C SER B 235 12.28 0.36 4.72
N LEU B 236 12.07 -0.92 5.01
CA LEU B 236 13.14 -1.74 5.55
C LEU B 236 14.11 -2.23 4.48
N SER B 237 13.82 -1.97 3.20
CA SER B 237 14.72 -2.35 2.13
C SER B 237 15.90 -1.40 1.98
N LEU B 238 15.84 -0.22 2.60
CA LEU B 238 16.99 0.67 2.67
C LEU B 238 17.75 0.53 3.98
N ARG B 239 17.39 -0.44 4.80
CA ARG B 239 18.09 -0.67 6.05
C ARG B 239 19.47 -1.27 5.78
N ARG B 240 20.47 -0.74 6.46
CA ARG B 240 21.83 -1.23 6.28
C ARG B 240 21.93 -2.64 6.88
N PRO B 241 22.57 -3.57 6.18
CA PRO B 241 22.77 -4.92 6.75
C PRO B 241 23.43 -4.87 8.11
N THR B 242 22.92 -5.70 9.02
CA THR B 242 23.47 -5.83 10.36
C THR B 242 24.43 -7.01 10.40
N ILE B 243 25.61 -6.80 10.94
CA ILE B 243 26.67 -7.81 10.96
C ILE B 243 26.90 -8.26 12.40
N ARG B 244 26.89 -9.57 12.60
CA ARG B 244 27.15 -10.21 13.89
C ARG B 244 28.34 -11.13 13.75
N MET B 245 29.25 -11.09 14.72
CA MET B 245 30.48 -11.85 14.66
C MET B 245 30.41 -13.07 15.58
N ILE B 246 30.88 -14.21 15.08
CA ILE B 246 30.89 -15.46 15.82
C ILE B 246 32.35 -15.83 16.09
N PRO B 247 32.81 -15.77 17.34
CA PRO B 247 34.18 -16.15 17.66
C PRO B 247 34.37 -17.65 17.53
N PRO B 248 35.61 -18.11 17.40
CA PRO B 248 35.84 -19.55 17.25
C PRO B 248 35.45 -20.32 18.51
N SER B 249 34.97 -21.54 18.30
CA SER B 249 34.63 -22.42 19.42
C SER B 249 35.89 -23.12 19.91
N ILE B 250 35.99 -23.24 21.24
CA ILE B 250 37.14 -23.94 21.82
C ILE B 250 37.13 -25.41 21.42
N ARG B 251 35.94 -25.96 21.15
CA ARG B 251 35.84 -27.32 20.63
C ARG B 251 36.67 -27.49 19.36
N GLU B 252 36.48 -26.58 18.39
CA GLU B 252 37.24 -26.65 17.15
C GLU B 252 38.72 -26.34 17.40
N MET B 253 39.00 -25.40 18.31
CA MET B 253 40.39 -24.98 18.53
C MET B 253 41.23 -26.09 19.16
N VAL B 254 40.64 -26.95 19.98
CA VAL B 254 41.42 -27.99 20.64
C VAL B 254 41.47 -29.27 19.82
N THR B 255 40.37 -29.62 19.14
CA THR B 255 40.36 -30.86 18.35
C THR B 255 41.03 -30.67 17.00
N HIS B 256 40.41 -29.88 16.12
CA HIS B 256 40.93 -29.68 14.77
C HIS B 256 42.17 -28.80 14.73
N ARG B 257 42.42 -28.01 15.78
CA ARG B 257 43.53 -27.07 15.87
C ARG B 257 43.49 -25.99 14.80
N ASN B 258 42.33 -25.73 14.21
CA ASN B 258 42.10 -24.52 13.45
C ASN B 258 41.28 -23.54 14.28
N ALA B 259 41.03 -22.35 13.72
CA ALA B 259 40.14 -21.37 14.36
C ALA B 259 39.28 -20.75 13.29
N THR B 260 37.97 -20.98 13.37
CA THR B 260 37.02 -20.53 12.36
C THR B 260 36.19 -19.39 12.92
N LEU B 261 36.28 -18.23 12.28
CA LEU B 261 35.50 -17.05 12.63
C LEU B 261 34.30 -16.95 11.71
N GLY B 262 33.18 -16.48 12.23
CA GLY B 262 31.94 -16.39 11.48
C GLY B 262 31.44 -14.97 11.38
N CYS B 263 30.78 -14.67 10.26
CA CYS B 263 30.22 -13.35 9.99
C CYS B 263 28.81 -13.54 9.46
N VAL B 264 27.81 -13.11 10.24
CA VAL B 264 26.41 -13.25 9.88
C VAL B 264 25.89 -11.88 9.47
N ALA B 265 25.55 -11.73 8.20
CA ALA B 265 25.03 -10.49 7.65
C ALA B 265 23.54 -10.65 7.38
N THR B 266 22.75 -9.73 7.94
CA THR B 266 21.30 -9.74 7.80
C THR B 266 20.86 -8.50 7.04
N GLN B 267 20.31 -8.70 5.86
CA GLN B 267 19.71 -7.66 5.05
C GLN B 267 18.20 -7.84 5.03
N PHE B 268 17.51 -6.94 4.36
CA PHE B 268 16.10 -7.12 4.02
C PHE B 268 15.90 -7.30 2.52
N ILE B 269 16.97 -7.32 1.75
CA ILE B 269 16.94 -7.59 0.31
C ILE B 269 17.45 -8.99 0.07
N PRO B 270 16.78 -9.80 -0.75
CA PRO B 270 17.25 -11.17 -0.98
C PRO B 270 18.45 -11.27 -1.90
N ASP B 271 19.04 -10.15 -2.31
CA ASP B 271 20.20 -10.19 -3.20
C ASP B 271 21.36 -10.93 -2.53
N PRO B 272 22.20 -11.58 -3.32
CA PRO B 272 23.37 -12.26 -2.74
C PRO B 272 24.30 -11.28 -2.05
N ILE B 273 24.82 -11.69 -0.89
CA ILE B 273 25.67 -10.85 -0.06
C ILE B 273 27.12 -11.23 -0.30
N THR B 274 27.96 -10.22 -0.51
CA THR B 274 29.39 -10.41 -0.77
C THR B 274 30.18 -10.05 0.48
N PHE B 275 30.96 -11.01 0.98
CA PHE B 275 31.76 -10.85 2.19
C PHE B 275 33.22 -10.69 1.83
N SER B 276 33.91 -9.81 2.57
CA SER B 276 35.36 -9.66 2.47
C SER B 276 35.94 -9.71 3.87
N TRP B 277 37.13 -10.31 3.98
CA TRP B 277 37.81 -10.46 5.26
C TRP B 277 39.11 -9.67 5.24
N MET B 278 39.35 -8.91 6.29
CA MET B 278 40.58 -8.14 6.45
C MET B 278 41.33 -8.62 7.69
N ALA B 279 42.64 -8.72 7.57
CA ALA B 279 43.52 -9.03 8.69
C ALA B 279 44.35 -7.79 9.01
N GLN B 280 44.14 -7.23 10.20
CA GLN B 280 44.80 -5.99 10.63
C GLN B 280 44.52 -4.85 9.67
N GLY B 281 43.33 -4.83 9.06
CA GLY B 281 42.91 -3.81 8.14
C GLY B 281 43.11 -4.15 6.67
N LEU B 282 44.12 -4.95 6.35
CA LEU B 282 44.39 -5.32 4.96
C LEU B 282 43.59 -6.56 4.60
N GLU B 283 42.99 -6.54 3.41
CA GLU B 283 42.14 -7.63 2.97
C GLU B 283 42.96 -8.91 2.76
N ILE B 284 42.40 -10.03 3.22
CA ILE B 284 43.02 -11.34 3.05
C ILE B 284 42.65 -11.86 1.66
N PRO B 285 43.62 -12.10 0.78
CA PRO B 285 43.30 -12.60 -0.56
C PRO B 285 42.64 -13.96 -0.51
N GLY B 286 41.78 -14.22 -1.49
CA GLY B 286 41.10 -15.49 -1.60
C GLY B 286 39.93 -15.69 -0.65
N THR B 287 39.58 -14.68 0.14
CA THR B 287 38.51 -14.81 1.13
C THR B 287 37.21 -14.16 0.71
N SER B 288 37.25 -13.16 -0.18
CA SER B 288 36.04 -12.54 -0.69
C SER B 288 35.14 -13.60 -1.33
N GLN B 289 33.90 -13.69 -0.86
CA GLN B 289 32.97 -14.70 -1.36
C GLN B 289 31.56 -14.15 -1.30
N THR B 290 30.77 -14.40 -2.33
CA THR B 290 29.37 -13.99 -2.34
C THR B 290 28.49 -15.22 -2.22
N LEU B 291 27.51 -15.16 -1.32
CA LEU B 291 26.59 -16.27 -1.11
C LEU B 291 25.17 -15.74 -0.98
N VAL B 292 24.21 -16.61 -1.20
CA VAL B 292 22.80 -16.24 -1.22
C VAL B 292 22.25 -16.39 0.19
N PRO B 293 21.68 -15.34 0.78
CA PRO B 293 21.15 -15.45 2.14
C PRO B 293 19.90 -16.31 2.19
N THR B 294 19.46 -16.59 3.42
CA THR B 294 18.32 -17.47 3.67
C THR B 294 17.29 -16.72 4.48
N ALA B 295 16.09 -16.59 3.93
CA ALA B 295 15.01 -15.86 4.60
C ALA B 295 14.64 -16.50 5.93
N ASN B 296 14.18 -15.67 6.86
CA ASN B 296 13.77 -16.12 8.18
C ASN B 296 12.39 -15.54 8.49
N GLU B 297 11.86 -15.89 9.66
CA GLU B 297 10.54 -15.42 10.09
C GLU B 297 10.61 -13.97 10.58
N ASP B 298 10.78 -13.07 9.62
CA ASP B 298 10.82 -11.63 9.91
C ASP B 298 10.79 -10.81 8.63
N GLY B 299 10.88 -11.47 7.49
CA GLY B 299 10.97 -10.81 6.21
C GLY B 299 12.39 -10.54 5.75
N SER B 300 13.33 -10.49 6.68
CA SER B 300 14.74 -10.27 6.38
C SER B 300 15.40 -11.56 5.90
N TYR B 301 16.54 -11.39 5.24
CA TYR B 301 17.37 -12.49 4.78
C TYR B 301 18.70 -12.46 5.51
N SER B 302 19.27 -13.64 5.75
CA SER B 302 20.49 -13.74 6.55
C SER B 302 21.45 -14.71 5.89
N ALA B 303 22.73 -14.33 5.86
CA ALA B 303 23.79 -15.16 5.31
C ALA B 303 24.93 -15.25 6.32
N ARG B 304 25.74 -16.30 6.18
CA ARG B 304 26.87 -16.52 7.08
C ARG B 304 28.09 -16.90 6.26
N SER B 305 29.21 -16.23 6.54
CA SER B 305 30.49 -16.51 5.91
C SER B 305 31.50 -16.95 6.97
N LEU B 306 32.31 -17.95 6.63
CA LEU B 306 33.29 -18.51 7.54
C LEU B 306 34.70 -18.25 7.03
N LEU B 307 35.62 -17.98 7.95
CA LEU B 307 37.02 -17.79 7.63
C LEU B 307 37.85 -18.61 8.62
N THR B 308 38.67 -19.52 8.08
CA THR B 308 39.50 -20.39 8.92
C THR B 308 40.93 -19.87 8.93
N VAL B 309 41.52 -19.79 10.13
CA VAL B 309 42.89 -19.33 10.32
C VAL B 309 43.61 -20.31 11.22
N ALA B 310 44.94 -20.22 11.21
CA ALA B 310 45.77 -21.00 12.11
C ALA B 310 45.58 -20.53 13.55
N LEU B 311 45.76 -21.46 14.49
CA LEU B 311 45.61 -21.12 15.90
C LEU B 311 46.60 -20.03 16.32
N ALA B 312 47.83 -20.10 15.82
CA ALA B 312 48.84 -19.12 16.21
C ALA B 312 48.46 -17.72 15.79
N ASP B 313 47.92 -17.56 14.58
CA ASP B 313 47.52 -16.24 14.12
C ASP B 313 46.38 -15.68 14.96
N TRP B 314 45.37 -16.51 15.27
CA TRP B 314 44.26 -16.04 16.08
C TRP B 314 44.73 -15.66 17.49
N LYS B 315 45.49 -16.54 18.14
CA LYS B 315 45.92 -16.28 19.51
C LYS B 315 46.99 -15.19 19.60
N SER B 316 47.63 -14.85 18.49
CA SER B 316 48.65 -13.81 18.52
C SER B 316 48.04 -12.45 18.82
N GLY B 317 46.83 -12.19 18.33
CA GLY B 317 46.17 -10.93 18.57
C GLY B 317 45.81 -10.19 17.30
N ILE B 318 45.82 -10.89 16.18
CA ILE B 318 45.47 -10.27 14.90
C ILE B 318 43.99 -9.91 14.92
N SER B 319 43.67 -8.71 14.44
CA SER B 319 42.29 -8.26 14.34
C SER B 319 41.73 -8.67 12.98
N TYR B 320 40.67 -9.48 13.00
CA TYR B 320 40.00 -9.94 11.79
C TYR B 320 38.68 -9.19 11.65
N THR B 321 38.50 -8.52 10.52
CA THR B 321 37.33 -7.69 10.26
C THR B 321 36.54 -8.27 9.10
N CYS B 322 35.22 -8.19 9.19
CA CYS B 322 34.31 -8.64 8.15
C CYS B 322 33.63 -7.41 7.53
N GLN B 323 33.59 -7.36 6.20
CA GLN B 323 33.02 -6.23 5.49
C GLN B 323 32.02 -6.71 4.45
N VAL B 324 30.85 -6.07 4.45
CA VAL B 324 29.80 -6.32 3.46
C VAL B 324 29.44 -4.98 2.81
N PRO B 325 29.16 -4.95 1.51
CA PRO B 325 28.84 -3.67 0.86
C PRO B 325 27.64 -2.99 1.51
N ASN B 326 27.76 -1.67 1.67
CA ASN B 326 26.73 -0.82 2.27
C ASN B 326 26.40 -1.30 3.69
N ALA B 327 27.41 -1.22 4.56
CA ALA B 327 27.29 -1.62 5.96
C ALA B 327 27.83 -0.50 6.84
N GLN B 328 27.77 -0.71 8.15
CA GLN B 328 28.24 0.30 9.08
C GLN B 328 29.74 0.51 8.92
N SER B 329 30.17 1.77 9.03
CA SER B 329 31.58 2.10 8.87
C SER B 329 32.39 1.79 10.13
N ASP B 330 31.77 1.88 11.29
CA ASP B 330 32.45 1.57 12.54
C ASP B 330 32.81 0.09 12.60
N PRO B 331 34.10 -0.27 12.61
CA PRO B 331 34.48 -1.68 12.62
C PRO B 331 34.43 -2.36 13.97
N LYS B 332 33.80 -1.76 14.99
CA LYS B 332 33.82 -2.36 16.32
C LYS B 332 33.08 -3.70 16.33
N ASN B 333 31.77 -3.68 16.07
CA ASN B 333 30.99 -4.92 16.03
C ASN B 333 31.16 -5.70 14.73
N ARG B 334 32.20 -5.40 13.95
CA ARG B 334 32.50 -6.15 12.74
C ARG B 334 33.89 -6.80 12.82
N THR B 335 34.54 -6.74 13.98
CA THR B 335 35.91 -7.21 14.15
C THR B 335 35.97 -8.25 15.25
N LEU B 336 36.75 -9.30 15.02
CA LEU B 336 36.99 -10.36 15.99
C LEU B 336 38.48 -10.40 16.33
N ARG B 337 38.78 -10.27 17.62
CA ARG B 337 40.15 -10.33 18.13
C ARG B 337 40.15 -11.05 19.46
N VAL B 338 41.16 -11.90 19.67
CA VAL B 338 41.33 -12.55 20.95
C VAL B 338 41.67 -11.49 22.00
N GLU B 339 41.18 -11.71 23.22
CA GLU B 339 41.38 -10.75 24.29
C GLU B 339 42.85 -10.72 24.70
N ASP B 340 43.25 -9.62 25.35
CA ASP B 340 44.61 -9.49 25.87
C ASP B 340 45.00 -10.72 26.68
N ALA B 341 46.23 -11.19 26.46
CA ALA B 341 46.63 -12.49 26.98
C ALA B 341 46.74 -12.48 28.51
N TRP B 342 47.03 -11.33 29.12
CA TRP B 342 47.12 -11.25 30.57
C TRP B 342 45.76 -11.24 31.25
N LEU B 343 44.67 -11.22 30.49
CA LEU B 343 43.34 -11.34 31.05
C LEU B 343 42.85 -12.79 31.12
N TRP B 344 43.61 -13.72 30.55
CA TRP B 344 43.22 -15.13 30.55
C TRP B 344 43.45 -15.75 31.92
N LYS B 345 42.61 -16.71 32.27
CA LYS B 345 42.73 -17.46 33.51
C LYS B 345 42.66 -18.95 33.22
N GLN B 346 43.64 -19.70 33.73
CA GLN B 346 43.64 -21.14 33.49
C GLN B 346 42.64 -21.83 34.40
N PRO B 347 41.89 -22.80 33.88
CA PRO B 347 40.84 -23.44 34.68
C PRO B 347 41.40 -24.33 35.77
N SER B 348 40.83 -24.22 36.97
CA SER B 348 41.15 -25.09 38.08
C SER B 348 40.14 -26.23 38.13
N LEU B 349 40.64 -27.46 38.28
CA LEU B 349 39.83 -28.66 38.28
C LEU B 349 39.77 -29.25 39.68
N ARG B 350 38.56 -29.64 40.10
CA ARG B 350 38.37 -30.34 41.37
C ARG B 350 37.39 -31.49 41.15
N MET B 351 37.86 -32.72 41.35
CA MET B 351 37.04 -33.89 41.14
C MET B 351 36.51 -34.42 42.47
N THR B 352 35.33 -35.04 42.41
CA THR B 352 34.72 -35.65 43.58
C THR B 352 33.78 -36.76 43.14
N VAL B 353 33.34 -37.55 44.12
CA VAL B 353 32.37 -38.62 43.92
C VAL B 353 31.11 -38.23 44.68
N ILE B 354 29.96 -38.37 44.03
CA ILE B 354 28.69 -38.00 44.65
C ILE B 354 27.71 -39.17 44.75
N GLY B 355 27.87 -40.22 43.96
CA GLY B 355 26.97 -41.35 44.00
C GLY B 355 27.30 -42.33 45.10
N GLY B 369 23.98 -50.67 40.22
CA GLY B 369 24.09 -49.34 40.80
C GLY B 369 24.93 -48.40 39.97
N THR B 370 24.65 -47.11 40.09
CA THR B 370 25.35 -46.08 39.32
C THR B 370 26.08 -45.14 40.27
N THR B 371 27.40 -45.04 40.11
CA THR B 371 28.20 -44.06 40.82
C THR B 371 28.43 -42.87 39.89
N THR B 372 28.26 -41.67 40.42
CA THR B 372 28.37 -40.45 39.62
C THR B 372 29.57 -39.64 40.09
N LEU B 373 30.43 -39.29 39.14
CA LEU B 373 31.63 -38.50 39.39
C LEU B 373 31.43 -37.08 38.88
N ALA B 374 31.89 -36.11 39.66
CA ALA B 374 31.72 -34.70 39.33
C ALA B 374 33.09 -34.05 39.14
N CYS B 375 33.17 -33.16 38.14
CA CYS B 375 34.39 -32.40 37.84
C CYS B 375 33.99 -30.93 37.82
N PHE B 376 34.46 -30.18 38.82
CA PHE B 376 34.19 -28.76 38.93
C PHE B 376 35.32 -27.98 38.29
N VAL B 377 35.00 -27.19 37.27
CA VAL B 377 35.97 -26.42 36.52
C VAL B 377 35.69 -24.95 36.82
N SER B 378 36.61 -24.28 37.51
CA SER B 378 36.34 -22.94 38.02
C SER B 378 37.50 -22.00 37.73
N ALA B 379 37.21 -20.70 37.82
CA ALA B 379 38.22 -19.64 37.81
C ALA B 379 39.00 -19.63 36.49
N PHE B 380 38.26 -19.48 35.40
CA PHE B 380 38.86 -19.37 34.07
C PHE B 380 38.18 -18.25 33.30
N TYR B 381 38.91 -17.69 32.33
CA TYR B 381 38.39 -16.63 31.49
C TYR B 381 39.05 -16.73 30.13
N PRO B 382 38.29 -16.67 29.02
CA PRO B 382 36.84 -16.45 28.93
C PRO B 382 36.03 -17.71 29.24
N GLY B 383 34.72 -17.69 28.96
CA GLY B 383 33.84 -18.76 29.37
C GLY B 383 33.77 -19.97 28.46
N ASP B 384 34.32 -19.88 27.25
CA ASP B 384 34.32 -21.03 26.35
C ASP B 384 35.22 -22.12 26.91
N ILE B 385 34.65 -23.30 27.17
CA ILE B 385 35.36 -24.39 27.81
C ILE B 385 34.99 -25.70 27.13
N TYR B 386 35.91 -26.67 27.18
CA TYR B 386 35.68 -27.98 26.61
C TYR B 386 36.01 -29.03 27.65
N VAL B 387 35.02 -29.82 28.06
CA VAL B 387 35.20 -30.86 29.05
C VAL B 387 34.99 -32.22 28.39
N SER B 388 35.88 -33.16 28.68
CA SER B 388 35.79 -34.52 28.17
C SER B 388 36.16 -35.50 29.27
N TRP B 389 35.76 -36.75 29.09
CA TRP B 389 36.04 -37.80 30.07
C TRP B 389 36.76 -38.96 29.41
N ARG B 390 37.60 -39.62 30.20
CA ARG B 390 38.38 -40.77 29.74
C ARG B 390 38.41 -41.82 30.83
N GLU B 391 38.15 -43.07 30.48
CA GLU B 391 38.36 -44.19 31.40
C GLU B 391 39.71 -44.78 31.02
N GLN B 392 40.75 -44.39 31.76
CA GLN B 392 42.13 -44.75 31.43
C GLN B 392 42.53 -44.15 30.09
N ASP B 393 42.48 -44.95 29.02
CA ASP B 393 42.82 -44.43 27.70
C ASP B 393 41.69 -44.65 26.70
N THR B 394 40.45 -44.35 27.09
CA THR B 394 39.30 -44.46 26.22
C THR B 394 38.35 -43.31 26.50
N GLU B 395 38.00 -42.55 25.47
CA GLU B 395 37.09 -41.42 25.64
C GLU B 395 35.68 -41.91 25.93
N LEU B 396 35.01 -41.23 26.85
CA LEU B 396 33.64 -41.57 27.23
C LEU B 396 32.68 -40.60 26.56
N SER B 397 31.54 -41.13 26.12
CA SER B 397 30.51 -40.32 25.47
C SER B 397 29.17 -40.52 26.15
N HIS B 398 28.92 -41.72 26.65
CA HIS B 398 27.68 -42.04 27.34
C HIS B 398 27.80 -41.67 28.82
N GLY B 399 26.73 -41.11 29.36
CA GLY B 399 26.71 -40.71 30.76
C GLY B 399 27.34 -39.37 31.05
N VAL B 400 27.89 -38.70 30.03
CA VAL B 400 28.53 -37.41 30.24
C VAL B 400 27.48 -36.30 30.21
N THR B 401 27.56 -35.38 31.15
CA THR B 401 26.64 -34.25 31.21
C THR B 401 27.45 -33.01 31.63
N THR B 402 27.73 -32.14 30.67
CA THR B 402 28.46 -30.90 30.92
C THR B 402 27.46 -29.74 30.95
N PHE B 403 27.35 -29.09 32.10
CA PHE B 403 26.40 -28.01 32.28
C PHE B 403 26.91 -26.72 31.64
N PRO B 404 26.00 -25.80 31.29
CA PRO B 404 26.45 -24.53 30.70
C PRO B 404 27.29 -23.73 31.68
N VAL B 405 28.21 -22.93 31.12
CA VAL B 405 29.13 -22.16 31.94
C VAL B 405 28.40 -20.99 32.57
N ARG B 406 28.63 -20.77 33.86
CA ARG B 406 28.01 -19.70 34.61
C ARG B 406 29.07 -18.73 35.14
N PRO B 407 28.73 -17.45 35.26
CA PRO B 407 29.73 -16.47 35.70
C PRO B 407 29.84 -16.41 37.21
N ASP B 408 31.02 -15.93 37.66
CA ASP B 408 31.38 -15.73 39.05
C ASP B 408 31.30 -14.26 39.42
N PRO B 409 31.02 -13.95 40.70
CA PRO B 409 31.27 -12.59 41.17
C PRO B 409 32.74 -12.20 41.13
N ASP B 410 33.63 -13.19 41.11
CA ASP B 410 35.07 -12.95 41.01
C ASP B 410 35.48 -12.43 39.64
N GLY B 411 34.59 -12.45 38.66
CA GLY B 411 34.90 -12.05 37.30
C GLY B 411 35.25 -13.18 36.36
N THR B 412 35.45 -14.38 36.89
CA THR B 412 35.80 -15.55 36.09
C THR B 412 34.52 -16.35 35.78
N PHE B 413 34.68 -17.61 35.40
CA PHE B 413 33.57 -18.49 35.09
C PHE B 413 33.79 -19.85 35.73
N HIS B 414 32.71 -20.61 35.86
CA HIS B 414 32.77 -21.92 36.49
C HIS B 414 31.61 -22.77 35.97
N THR B 415 31.84 -24.09 35.98
CA THR B 415 30.84 -25.05 35.52
C THR B 415 31.15 -26.41 36.15
N VAL B 416 30.23 -27.35 35.94
CA VAL B 416 30.35 -28.70 36.45
C VAL B 416 30.09 -29.67 35.31
N SER B 417 30.82 -30.78 35.29
CA SER B 417 30.57 -31.87 34.35
C SER B 417 30.49 -33.17 35.15
N GLN B 418 29.39 -33.88 35.01
CA GLN B 418 29.20 -35.14 35.74
C GLN B 418 29.20 -36.32 34.78
N LEU B 419 29.52 -37.48 35.35
CA LEU B 419 29.60 -38.73 34.60
C LEU B 419 28.99 -39.84 35.43
N SER B 420 27.94 -40.46 34.92
CA SER B 420 27.27 -41.58 35.59
C SER B 420 27.87 -42.87 35.03
N VAL B 421 28.56 -43.61 35.87
CA VAL B 421 29.21 -44.85 35.45
C VAL B 421 28.69 -46.01 36.31
N PRO B 422 28.47 -47.19 35.73
CA PRO B 422 28.09 -48.34 36.55
C PRO B 422 29.12 -48.61 37.63
N SER B 423 28.63 -49.07 38.78
CA SER B 423 29.49 -49.29 39.95
C SER B 423 30.60 -50.31 39.68
N ARG B 424 30.48 -51.12 38.62
CA ARG B 424 31.50 -52.13 38.37
C ARG B 424 32.86 -51.50 38.11
N ALA B 425 32.89 -50.40 37.34
CA ALA B 425 34.15 -49.78 36.98
C ALA B 425 34.70 -48.90 38.09
N TRP B 426 33.83 -48.34 38.92
CA TRP B 426 34.33 -47.54 40.04
C TRP B 426 34.83 -48.43 41.17
N HIS B 427 34.10 -49.50 41.50
CA HIS B 427 34.54 -50.41 42.54
C HIS B 427 35.65 -51.33 42.07
N SER B 428 35.87 -51.46 40.76
CA SER B 428 37.00 -52.24 40.28
C SER B 428 38.32 -51.50 40.52
N GLY B 429 38.38 -50.22 40.18
CA GLY B 429 39.56 -49.43 40.47
C GLY B 429 40.14 -48.72 39.26
N HIS B 430 39.31 -48.41 38.28
CA HIS B 430 39.77 -47.78 37.05
C HIS B 430 40.09 -46.30 37.26
N ASN B 431 40.93 -45.77 36.36
CA ASN B 431 41.25 -44.36 36.34
C ASN B 431 40.17 -43.60 35.59
N PHE B 432 39.64 -42.55 36.21
CA PHE B 432 38.62 -41.70 35.60
C PHE B 432 39.21 -40.30 35.46
N THR B 433 39.54 -39.93 34.22
CA THR B 433 40.21 -38.67 33.92
C THR B 433 39.20 -37.66 33.37
N CYS B 434 39.27 -36.45 33.92
CA CYS B 434 38.50 -35.30 33.45
C CYS B 434 39.48 -34.39 32.70
N LEU B 435 39.27 -34.27 31.39
CA LEU B 435 40.07 -33.43 30.53
C LEU B 435 39.38 -32.09 30.32
N VAL B 436 40.15 -31.01 30.37
CA VAL B 436 39.60 -29.67 30.17
C VAL B 436 40.50 -28.90 29.22
N GLY B 437 39.94 -28.49 28.10
CA GLY B 437 40.60 -27.62 27.14
C GLY B 437 40.00 -26.22 27.19
N HIS B 438 40.89 -25.23 27.25
CA HIS B 438 40.52 -23.84 27.39
C HIS B 438 41.42 -22.99 26.49
N GLN B 439 41.00 -21.74 26.28
CA GLN B 439 41.79 -20.85 25.43
C GLN B 439 43.13 -20.50 26.08
N SER B 440 43.16 -20.40 27.40
CA SER B 440 44.38 -20.09 28.13
C SER B 440 45.27 -21.31 28.32
N LEU B 441 44.97 -22.42 27.65
CA LEU B 441 45.74 -23.65 27.77
C LEU B 441 46.26 -24.04 26.39
N ASN B 442 47.55 -24.39 26.33
CA ASN B 442 48.14 -24.87 25.09
C ASN B 442 47.86 -26.35 24.83
N GLY B 443 47.32 -27.05 25.82
CA GLY B 443 46.93 -28.45 25.64
C GLY B 443 45.66 -28.77 26.40
N LEU B 444 45.62 -29.96 27.01
CA LEU B 444 44.48 -30.41 27.79
C LEU B 444 44.91 -30.64 29.23
N LYS B 445 44.20 -30.01 30.16
CA LYS B 445 44.51 -30.16 31.59
C LYS B 445 43.74 -31.35 32.15
N GLU B 446 44.46 -32.29 32.76
CA GLU B 446 43.88 -33.55 33.21
C GLU B 446 43.69 -33.55 34.72
N ALA B 447 42.68 -34.31 35.16
CA ALA B 447 42.51 -34.59 36.59
C ALA B 447 41.97 -36.00 36.75
N GLN B 448 42.71 -36.87 37.44
CA GLN B 448 42.31 -38.25 37.61
C GLN B 448 41.67 -38.48 38.98
N LEU B 449 40.79 -39.49 39.05
CA LEU B 449 40.14 -39.88 40.30
C LEU B 449 39.91 -41.38 40.29
N ARG B 450 40.55 -42.09 41.22
CA ARG B 450 40.37 -43.51 41.41
C ARG B 450 39.76 -43.76 42.79
N LYS B 451 39.30 -44.99 43.02
CA LYS B 451 38.66 -45.35 44.29
C LYS B 451 39.66 -45.51 45.44
N ASP B 452 40.33 -46.67 45.48
CA ASP B 452 41.18 -47.13 46.59
C ASP B 452 41.06 -46.33 47.90
#